data_6BL9
#
_entry.id   6BL9
#
_entity_poly.entity_id   1
_entity_poly.type   'polypeptide(L)'
_entity_poly.pdbx_seq_one_letter_code
;EETEEPIRHAKKNPSEGECKKACADAFANGDQSKIAKAENFKDYYCNCHIIIH
;
_entity_poly.pdbx_strand_id   A
#
# COMPACT_ATOMS: atom_id res chain seq x y z
N GLU A 1 2.70 -15.65 -0.20
CA GLU A 1 3.96 -14.93 -0.06
C GLU A 1 3.73 -13.50 -0.50
N GLU A 2 4.01 -12.59 0.39
CA GLU A 2 3.82 -11.20 0.13
C GLU A 2 5.17 -10.52 0.11
N THR A 3 5.26 -9.46 -0.63
CA THR A 3 6.45 -8.69 -0.68
C THR A 3 6.15 -7.27 -0.20
N GLU A 4 7.08 -6.68 0.51
CA GLU A 4 6.91 -5.35 1.04
C GLU A 4 7.38 -4.34 0.02
N GLU A 5 6.68 -3.25 -0.10
CA GLU A 5 7.07 -2.18 -0.99
C GLU A 5 6.59 -0.85 -0.44
N PRO A 6 7.50 -0.03 0.13
CA PRO A 6 7.16 1.30 0.60
C PRO A 6 6.95 2.28 -0.57
N ILE A 7 5.73 2.67 -0.76
CA ILE A 7 5.34 3.56 -1.83
C ILE A 7 5.21 4.98 -1.29
N ARG A 8 5.15 5.93 -2.17
CA ARG A 8 4.93 7.31 -1.80
C ARG A 8 3.44 7.60 -1.85
N HIS A 9 2.90 8.04 -0.76
CA HIS A 9 1.50 8.36 -0.63
C HIS A 9 1.40 9.87 -0.46
N ALA A 10 0.35 10.47 -0.94
CA ALA A 10 0.17 11.89 -0.78
C ALA A 10 -0.63 12.18 0.48
N LYS A 11 0.05 12.12 1.62
CA LYS A 11 -0.49 12.39 2.92
C LYS A 11 0.70 12.25 3.85
N LYS A 12 0.82 13.09 4.85
CA LYS A 12 1.95 13.00 5.78
C LYS A 12 1.91 11.67 6.52
N ASN A 13 0.80 11.40 7.14
CA ASN A 13 0.60 10.14 7.83
C ASN A 13 -0.70 9.54 7.38
N PRO A 14 -0.69 8.85 6.26
CA PRO A 14 -1.88 8.19 5.76
C PRO A 14 -2.28 7.05 6.66
N SER A 15 -3.55 6.86 6.76
CA SER A 15 -4.10 5.78 7.49
C SER A 15 -3.87 4.51 6.66
N GLU A 16 -3.90 3.35 7.28
CA GLU A 16 -3.61 2.11 6.56
C GLU A 16 -4.63 1.85 5.45
N GLY A 17 -5.84 2.32 5.65
CA GLY A 17 -6.87 2.21 4.64
C GLY A 17 -6.52 3.05 3.42
N GLU A 18 -6.04 4.27 3.68
CA GLU A 18 -5.62 5.19 2.62
C GLU A 18 -4.47 4.55 1.87
N CYS A 19 -3.55 3.99 2.63
CA CYS A 19 -2.42 3.27 2.09
C CYS A 19 -2.86 2.10 1.23
N LYS A 20 -3.80 1.27 1.73
CA LYS A 20 -4.27 0.12 0.97
C LYS A 20 -4.88 0.52 -0.34
N LYS A 21 -5.62 1.61 -0.33
CA LYS A 21 -6.22 2.10 -1.55
C LYS A 21 -5.14 2.57 -2.52
N ALA A 22 -4.14 3.26 -2.02
CA ALA A 22 -3.04 3.76 -2.85
C ALA A 22 -2.21 2.60 -3.39
N CYS A 23 -1.94 1.62 -2.53
CA CYS A 23 -1.21 0.42 -2.93
C CYS A 23 -1.98 -0.31 -4.00
N ALA A 24 -3.30 -0.30 -3.88
CA ALA A 24 -4.14 -0.90 -4.86
C ALA A 24 -4.04 -0.14 -6.16
N ASP A 25 -4.32 1.15 -6.13
CA ASP A 25 -4.27 2.03 -7.31
C ASP A 25 -2.96 1.92 -8.06
N ALA A 26 -1.86 2.01 -7.34
CA ALA A 26 -0.55 1.99 -7.95
C ALA A 26 -0.10 0.60 -8.38
N PHE A 27 -0.74 -0.46 -7.91
CA PHE A 27 -0.25 -1.81 -8.22
C PHE A 27 -1.24 -2.68 -8.96
N ALA A 28 -2.49 -2.48 -8.72
CA ALA A 28 -3.53 -3.28 -9.36
C ALA A 28 -4.62 -2.37 -9.91
N ASN A 29 -4.29 -1.10 -10.06
CA ASN A 29 -5.21 -0.08 -10.64
C ASN A 29 -6.50 0.08 -9.84
N GLY A 30 -6.46 -0.30 -8.58
CA GLY A 30 -7.61 -0.16 -7.75
C GLY A 30 -8.00 -1.44 -7.05
N ASP A 31 -7.55 -2.57 -7.58
CA ASP A 31 -7.90 -3.86 -6.96
C ASP A 31 -7.13 -4.07 -5.68
N GLN A 32 -7.83 -4.35 -4.62
CA GLN A 32 -7.22 -4.53 -3.33
C GLN A 32 -7.02 -6.00 -2.98
N SER A 33 -7.21 -6.89 -3.94
CA SER A 33 -7.05 -8.30 -3.67
C SER A 33 -5.59 -8.71 -3.96
N LYS A 34 -4.86 -7.81 -4.60
CA LYS A 34 -3.44 -8.01 -4.87
C LYS A 34 -2.63 -7.49 -3.67
N ILE A 35 -3.31 -6.81 -2.78
CA ILE A 35 -2.68 -6.21 -1.63
C ILE A 35 -3.22 -6.86 -0.36
N ALA A 36 -2.34 -7.40 0.45
CA ALA A 36 -2.73 -8.06 1.69
C ALA A 36 -3.08 -7.02 2.74
N LYS A 37 -2.22 -6.04 2.87
CA LYS A 37 -2.39 -4.96 3.80
C LYS A 37 -1.42 -3.88 3.38
N ALA A 38 -1.55 -2.74 3.96
CA ALA A 38 -0.66 -1.66 3.77
C ALA A 38 -0.65 -0.94 5.05
N GLU A 39 0.42 -0.26 5.35
CA GLU A 39 0.50 0.45 6.61
C GLU A 39 1.49 1.59 6.48
N ASN A 40 1.37 2.61 7.31
CA ASN A 40 2.28 3.74 7.24
C ASN A 40 3.69 3.31 7.56
N PHE A 41 4.57 3.56 6.65
CA PHE A 41 5.95 3.21 6.78
C PHE A 41 6.71 4.37 7.39
N LYS A 42 6.47 5.54 6.84
CA LYS A 42 7.14 6.74 7.22
C LYS A 42 6.32 7.88 6.62
N ASP A 43 6.73 9.11 6.80
CA ASP A 43 6.00 10.27 6.27
C ASP A 43 5.89 10.17 4.78
N TYR A 44 4.66 10.18 4.30
CA TYR A 44 4.34 10.07 2.86
C TYR A 44 4.73 8.70 2.29
N TYR A 45 4.93 7.72 3.15
CA TYR A 45 5.28 6.38 2.70
C TYR A 45 4.39 5.33 3.32
N CYS A 46 3.93 4.44 2.49
CA CYS A 46 3.12 3.32 2.92
C CYS A 46 3.78 2.04 2.51
N ASN A 47 3.87 1.11 3.42
CA ASN A 47 4.42 -0.18 3.11
C ASN A 47 3.31 -1.04 2.62
N CYS A 48 3.37 -1.39 1.36
CA CYS A 48 2.39 -2.22 0.75
C CYS A 48 2.83 -3.66 0.86
N HIS A 49 1.89 -4.53 1.12
CA HIS A 49 2.14 -5.93 1.20
C HIS A 49 1.51 -6.54 -0.01
N ILE A 50 2.29 -6.77 -1.00
CA ILE A 50 1.79 -7.21 -2.26
C ILE A 50 1.79 -8.72 -2.30
N ILE A 51 0.63 -9.28 -2.54
CA ILE A 51 0.47 -10.71 -2.61
C ILE A 51 0.91 -11.17 -3.98
N ILE A 52 1.91 -11.99 -4.01
CA ILE A 52 2.36 -12.54 -5.26
C ILE A 52 1.55 -13.80 -5.51
N HIS A 53 1.74 -14.74 -4.61
CA HIS A 53 1.04 -16.00 -4.49
C HIS A 53 1.78 -16.74 -3.43
N GLU A 1 3.49 -15.93 0.42
CA GLU A 1 4.64 -15.06 0.28
C GLU A 1 4.21 -13.68 -0.14
N GLU A 2 4.35 -12.79 0.79
CA GLU A 2 3.95 -11.44 0.69
C GLU A 2 5.22 -10.61 0.64
N THR A 3 5.22 -9.54 -0.08
CA THR A 3 6.41 -8.73 -0.23
C THR A 3 6.11 -7.27 0.07
N GLU A 4 7.06 -6.61 0.73
CA GLU A 4 6.91 -5.24 1.15
C GLU A 4 7.31 -4.32 -0.01
N GLU A 5 6.50 -3.34 -0.30
CA GLU A 5 6.84 -2.36 -1.30
C GLU A 5 6.41 -0.97 -0.80
N PRO A 6 7.37 -0.12 -0.45
CA PRO A 6 7.09 1.24 0.01
C PRO A 6 6.71 2.18 -1.15
N ILE A 7 5.49 2.63 -1.15
CA ILE A 7 5.00 3.54 -2.16
C ILE A 7 4.95 4.93 -1.57
N ARG A 8 4.86 5.92 -2.43
CA ARG A 8 4.82 7.30 -1.99
C ARG A 8 3.38 7.72 -1.85
N HIS A 9 3.06 8.42 -0.79
CA HIS A 9 1.71 8.86 -0.54
C HIS A 9 1.75 10.33 -0.13
N ALA A 10 0.77 11.09 -0.55
CA ALA A 10 0.74 12.54 -0.30
C ALA A 10 0.17 12.88 1.09
N LYS A 11 0.48 12.08 2.08
CA LYS A 11 0.03 12.31 3.42
C LYS A 11 1.07 11.75 4.34
N LYS A 12 1.43 12.51 5.36
CA LYS A 12 2.49 12.17 6.31
C LYS A 12 2.26 10.79 6.90
N ASN A 13 1.12 10.61 7.49
CA ASN A 13 0.74 9.36 8.10
C ASN A 13 -0.65 9.01 7.66
N PRO A 14 -0.77 8.28 6.56
CA PRO A 14 -2.04 7.87 6.04
C PRO A 14 -2.62 6.71 6.82
N SER A 15 -3.90 6.59 6.78
CA SER A 15 -4.58 5.53 7.43
C SER A 15 -4.51 4.27 6.57
N GLU A 16 -4.87 3.13 7.16
CA GLU A 16 -4.85 1.85 6.48
C GLU A 16 -5.67 1.88 5.19
N GLY A 17 -6.86 2.49 5.26
CA GLY A 17 -7.73 2.61 4.10
C GLY A 17 -7.08 3.39 2.97
N GLU A 18 -6.46 4.50 3.33
CA GLU A 18 -5.79 5.37 2.36
C GLU A 18 -4.65 4.62 1.72
N CYS A 19 -3.80 4.03 2.53
CA CYS A 19 -2.66 3.27 2.05
C CYS A 19 -3.07 2.08 1.19
N LYS A 20 -4.06 1.28 1.64
CA LYS A 20 -4.43 0.10 0.87
C LYS A 20 -5.05 0.47 -0.45
N LYS A 21 -5.80 1.57 -0.50
CA LYS A 21 -6.33 2.03 -1.77
C LYS A 21 -5.23 2.57 -2.67
N ALA A 22 -4.28 3.28 -2.09
CA ALA A 22 -3.15 3.83 -2.85
C ALA A 22 -2.32 2.70 -3.44
N CYS A 23 -2.04 1.70 -2.61
CA CYS A 23 -1.31 0.51 -3.04
C CYS A 23 -2.07 -0.19 -4.15
N ALA A 24 -3.39 -0.26 -4.00
CA ALA A 24 -4.22 -0.87 -5.00
C ALA A 24 -4.16 -0.12 -6.31
N ASP A 25 -4.54 1.16 -6.28
CA ASP A 25 -4.59 1.99 -7.49
C ASP A 25 -3.27 2.05 -8.22
N ALA A 26 -2.19 2.14 -7.48
CA ALA A 26 -0.88 2.23 -8.07
C ALA A 26 -0.38 0.89 -8.62
N PHE A 27 -0.93 -0.22 -8.14
CA PHE A 27 -0.41 -1.52 -8.58
C PHE A 27 -1.39 -2.34 -9.39
N ALA A 28 -2.59 -2.46 -8.91
CA ALA A 28 -3.60 -3.25 -9.57
C ALA A 28 -4.68 -2.37 -10.15
N ASN A 29 -4.41 -1.06 -10.14
CA ASN A 29 -5.28 -0.01 -10.72
C ASN A 29 -6.63 0.09 -10.04
N GLY A 30 -6.70 -0.36 -8.81
CA GLY A 30 -7.94 -0.23 -8.09
C GLY A 30 -8.29 -1.45 -7.31
N ASP A 31 -7.86 -2.59 -7.79
CA ASP A 31 -8.13 -3.85 -7.08
C ASP A 31 -7.21 -4.00 -5.90
N GLN A 32 -7.78 -4.10 -4.73
CA GLN A 32 -7.00 -4.14 -3.51
C GLN A 32 -6.70 -5.58 -3.12
N SER A 33 -7.17 -6.53 -3.91
CA SER A 33 -7.02 -7.94 -3.60
C SER A 33 -5.56 -8.40 -3.70
N LYS A 34 -4.73 -7.61 -4.34
CA LYS A 34 -3.31 -7.92 -4.46
C LYS A 34 -2.55 -7.39 -3.25
N ILE A 35 -3.23 -6.57 -2.48
CA ILE A 35 -2.64 -5.94 -1.33
C ILE A 35 -3.28 -6.53 -0.09
N ALA A 36 -2.52 -7.27 0.69
CA ALA A 36 -3.06 -7.90 1.89
C ALA A 36 -3.18 -6.89 3.00
N LYS A 37 -2.20 -6.04 3.08
CA LYS A 37 -2.10 -5.05 4.10
C LYS A 37 -1.34 -3.87 3.54
N ALA A 38 -1.58 -2.70 4.06
CA ALA A 38 -0.85 -1.53 3.71
C ALA A 38 -0.82 -0.64 4.92
N GLU A 39 0.34 -0.22 5.32
CA GLU A 39 0.49 0.57 6.54
C GLU A 39 1.54 1.64 6.31
N ASN A 40 1.68 2.58 7.22
CA ASN A 40 2.69 3.63 7.10
C ASN A 40 4.09 3.03 7.13
N PHE A 41 4.88 3.38 6.15
CA PHE A 41 6.24 2.91 6.04
C PHE A 41 7.18 3.96 6.60
N LYS A 42 6.91 5.19 6.23
CA LYS A 42 7.73 6.31 6.56
C LYS A 42 6.83 7.49 6.32
N ASP A 43 7.26 8.68 6.69
CA ASP A 43 6.46 9.87 6.47
C ASP A 43 6.26 10.06 4.98
N TYR A 44 4.98 10.05 4.58
CA TYR A 44 4.56 10.18 3.19
C TYR A 44 4.85 8.89 2.39
N TYR A 45 4.91 7.77 3.10
CA TYR A 45 5.10 6.46 2.46
C TYR A 45 4.22 5.41 3.09
N CYS A 46 3.71 4.54 2.25
CA CYS A 46 2.92 3.43 2.70
C CYS A 46 3.62 2.14 2.28
N ASN A 47 3.68 1.20 3.18
CA ASN A 47 4.27 -0.09 2.94
C ASN A 47 3.17 -0.98 2.46
N CYS A 48 3.24 -1.32 1.22
CA CYS A 48 2.27 -2.18 0.62
C CYS A 48 2.72 -3.60 0.75
N HIS A 49 1.82 -4.44 1.13
CA HIS A 49 2.09 -5.83 1.31
C HIS A 49 1.47 -6.52 0.16
N ILE A 50 2.25 -6.73 -0.83
CA ILE A 50 1.76 -7.26 -2.05
C ILE A 50 1.81 -8.77 -2.01
N ILE A 51 0.69 -9.38 -2.28
CA ILE A 51 0.57 -10.81 -2.30
C ILE A 51 1.11 -11.30 -3.63
N ILE A 52 2.26 -11.91 -3.61
CA ILE A 52 2.83 -12.39 -4.84
C ILE A 52 2.55 -13.87 -4.99
N HIS A 53 2.96 -14.65 -4.04
CA HIS A 53 2.76 -16.06 -4.12
C HIS A 53 2.03 -16.53 -2.88
N GLU A 1 3.47 -14.90 1.65
CA GLU A 1 4.60 -14.00 1.45
C GLU A 1 4.14 -12.85 0.58
N GLU A 2 4.49 -11.67 0.98
CA GLU A 2 4.11 -10.50 0.24
C GLU A 2 5.32 -9.62 0.03
N THR A 3 5.36 -8.94 -1.07
CA THR A 3 6.42 -8.02 -1.35
C THR A 3 6.16 -6.74 -0.59
N GLU A 4 7.09 -6.34 0.26
CA GLU A 4 6.98 -5.12 1.00
C GLU A 4 7.45 -3.98 0.14
N GLU A 5 6.51 -3.36 -0.51
CA GLU A 5 6.81 -2.31 -1.44
C GLU A 5 6.35 -0.99 -0.84
N PRO A 6 7.28 -0.14 -0.38
CA PRO A 6 6.94 1.15 0.17
C PRO A 6 6.68 2.17 -0.93
N ILE A 7 5.45 2.54 -1.09
CA ILE A 7 5.06 3.50 -2.10
C ILE A 7 5.02 4.88 -1.51
N ARG A 8 4.92 5.85 -2.36
CA ARG A 8 4.82 7.22 -1.95
C ARG A 8 3.37 7.58 -1.74
N HIS A 9 3.13 8.50 -0.86
CA HIS A 9 1.81 8.99 -0.59
C HIS A 9 1.93 10.50 -0.36
N ALA A 10 0.88 11.26 -0.62
CA ALA A 10 0.95 12.72 -0.47
C ALA A 10 0.57 13.17 0.92
N LYS A 11 -0.18 12.34 1.61
CA LYS A 11 -0.48 12.58 2.98
C LYS A 11 0.61 11.96 3.79
N LYS A 12 1.20 12.77 4.66
CA LYS A 12 2.34 12.39 5.49
C LYS A 12 2.07 11.11 6.29
N ASN A 13 0.91 11.03 6.88
CA ASN A 13 0.56 9.90 7.72
C ASN A 13 -0.73 9.30 7.25
N PRO A 14 -0.65 8.36 6.34
CA PRO A 14 -1.80 7.68 5.83
C PRO A 14 -2.22 6.57 6.76
N SER A 15 -3.49 6.35 6.83
CA SER A 15 -4.02 5.28 7.61
C SER A 15 -3.95 3.98 6.80
N GLU A 16 -4.18 2.86 7.46
CA GLU A 16 -4.07 1.54 6.83
C GLU A 16 -5.03 1.42 5.63
N GLY A 17 -6.22 1.97 5.77
CA GLY A 17 -7.16 1.96 4.69
C GLY A 17 -6.72 2.85 3.54
N GLU A 18 -6.17 4.03 3.90
CA GLU A 18 -5.63 4.99 2.93
C GLU A 18 -4.56 4.30 2.11
N CYS A 19 -3.63 3.69 2.82
CA CYS A 19 -2.54 2.98 2.22
C CYS A 19 -3.03 1.86 1.31
N LYS A 20 -3.94 0.99 1.78
CA LYS A 20 -4.41 -0.12 0.95
C LYS A 20 -5.06 0.39 -0.33
N LYS A 21 -5.82 1.46 -0.22
CA LYS A 21 -6.48 2.06 -1.36
C LYS A 21 -5.43 2.63 -2.34
N ALA A 22 -4.48 3.39 -1.79
CA ALA A 22 -3.42 4.00 -2.59
C ALA A 22 -2.55 2.94 -3.26
N CYS A 23 -2.14 1.93 -2.49
CA CYS A 23 -1.34 0.81 -2.98
C CYS A 23 -2.06 0.08 -4.09
N ALA A 24 -3.37 -0.06 -3.94
CA ALA A 24 -4.19 -0.72 -4.94
C ALA A 24 -4.10 0.06 -6.24
N ASP A 25 -4.51 1.32 -6.20
CA ASP A 25 -4.49 2.20 -7.38
C ASP A 25 -3.12 2.29 -8.02
N ALA A 26 -2.10 2.30 -7.19
CA ALA A 26 -0.73 2.43 -7.64
C ALA A 26 -0.21 1.17 -8.34
N PHE A 27 -0.80 0.02 -8.06
CA PHE A 27 -0.29 -1.23 -8.63
C PHE A 27 -1.31 -2.00 -9.42
N ALA A 28 -2.42 -2.30 -8.81
CA ALA A 28 -3.45 -3.11 -9.44
C ALA A 28 -4.55 -2.23 -10.01
N ASN A 29 -4.25 -0.93 -10.12
CA ASN A 29 -5.14 0.06 -10.75
C ASN A 29 -6.45 0.26 -10.03
N GLY A 30 -6.50 -0.12 -8.79
CA GLY A 30 -7.70 0.06 -8.03
C GLY A 30 -8.11 -1.17 -7.30
N ASP A 31 -7.77 -2.32 -7.86
CA ASP A 31 -8.10 -3.59 -7.21
C ASP A 31 -7.24 -3.80 -6.00
N GLN A 32 -7.86 -4.11 -4.89
CA GLN A 32 -7.16 -4.25 -3.63
C GLN A 32 -6.93 -5.71 -3.30
N SER A 33 -7.22 -6.60 -4.23
CA SER A 33 -7.18 -8.02 -3.95
C SER A 33 -5.75 -8.57 -4.06
N LYS A 34 -4.88 -7.78 -4.66
CA LYS A 34 -3.48 -8.15 -4.79
C LYS A 34 -2.67 -7.50 -3.68
N ILE A 35 -3.35 -6.74 -2.87
CA ILE A 35 -2.74 -6.06 -1.75
C ILE A 35 -3.27 -6.71 -0.49
N ALA A 36 -2.40 -7.37 0.24
CA ALA A 36 -2.81 -8.02 1.49
C ALA A 36 -3.16 -6.97 2.50
N LYS A 37 -2.20 -6.15 2.80
CA LYS A 37 -2.36 -5.05 3.68
C LYS A 37 -1.42 -3.97 3.20
N ALA A 38 -1.62 -2.79 3.67
CA ALA A 38 -0.75 -1.71 3.41
C ALA A 38 -0.79 -0.80 4.61
N GLU A 39 0.33 -0.61 5.23
CA GLU A 39 0.37 0.15 6.47
C GLU A 39 1.31 1.34 6.28
N ASN A 40 1.20 2.34 7.13
CA ASN A 40 2.08 3.50 7.06
C ASN A 40 3.51 3.05 7.34
N PHE A 41 4.34 3.18 6.35
CA PHE A 41 5.71 2.74 6.43
C PHE A 41 6.54 3.82 7.08
N LYS A 42 6.49 4.98 6.51
CA LYS A 42 7.31 6.07 6.91
C LYS A 42 6.56 7.32 6.50
N ASP A 43 7.04 8.48 6.90
CA ASP A 43 6.42 9.76 6.52
C ASP A 43 6.32 9.83 5.01
N TYR A 44 5.09 9.93 4.51
CA TYR A 44 4.78 10.00 3.07
C TYR A 44 4.97 8.67 2.36
N TYR A 45 5.03 7.57 3.10
CA TYR A 45 5.21 6.25 2.51
C TYR A 45 4.29 5.20 3.13
N CYS A 46 3.82 4.32 2.30
CA CYS A 46 2.99 3.20 2.72
C CYS A 46 3.66 1.92 2.32
N ASN A 47 3.69 0.97 3.23
CA ASN A 47 4.28 -0.31 2.96
C ASN A 47 3.18 -1.20 2.47
N CYS A 48 3.18 -1.43 1.20
CA CYS A 48 2.20 -2.24 0.58
C CYS A 48 2.68 -3.66 0.59
N HIS A 49 1.79 -4.58 0.80
CA HIS A 49 2.13 -5.96 0.84
C HIS A 49 1.52 -6.58 -0.38
N ILE A 50 2.34 -6.73 -1.39
CA ILE A 50 1.86 -7.23 -2.64
C ILE A 50 1.89 -8.75 -2.57
N ILE A 51 0.73 -9.35 -2.69
CA ILE A 51 0.59 -10.80 -2.54
C ILE A 51 1.36 -11.55 -3.63
N ILE A 52 2.24 -12.41 -3.22
CA ILE A 52 2.96 -13.26 -4.15
C ILE A 52 2.33 -14.63 -4.07
N HIS A 53 2.36 -15.18 -2.87
CA HIS A 53 1.82 -16.48 -2.55
C HIS A 53 1.21 -16.36 -1.19
N GLU A 1 4.67 -14.03 2.73
CA GLU A 1 4.80 -14.38 1.30
C GLU A 1 4.47 -13.17 0.42
N GLU A 2 4.70 -11.98 0.95
CA GLU A 2 4.33 -10.78 0.23
C GLU A 2 5.58 -10.03 -0.16
N THR A 3 5.44 -9.10 -1.03
CA THR A 3 6.51 -8.22 -1.36
C THR A 3 6.19 -6.89 -0.67
N GLU A 4 7.17 -6.36 0.01
CA GLU A 4 6.99 -5.12 0.75
C GLU A 4 7.35 -3.97 -0.16
N GLU A 5 6.37 -3.24 -0.59
CA GLU A 5 6.60 -2.15 -1.49
C GLU A 5 6.33 -0.81 -0.82
N PRO A 6 7.38 -0.07 -0.42
CA PRO A 6 7.23 1.28 0.07
C PRO A 6 6.84 2.22 -1.07
N ILE A 7 5.69 2.82 -0.97
CA ILE A 7 5.17 3.72 -1.96
C ILE A 7 5.09 5.11 -1.39
N ARG A 8 4.99 6.08 -2.25
CA ARG A 8 4.86 7.46 -1.88
C ARG A 8 3.37 7.77 -1.70
N HIS A 9 3.02 8.50 -0.67
CA HIS A 9 1.64 8.89 -0.46
C HIS A 9 1.60 10.36 -0.03
N ALA A 10 0.57 11.07 -0.45
CA ALA A 10 0.45 12.47 -0.11
C ALA A 10 -0.27 12.69 1.22
N LYS A 11 0.42 12.36 2.29
CA LYS A 11 0.03 12.56 3.67
C LYS A 11 1.15 11.99 4.49
N LYS A 12 1.52 12.67 5.56
CA LYS A 12 2.64 12.26 6.39
C LYS A 12 2.32 10.93 7.04
N ASN A 13 1.21 10.88 7.69
CA ASN A 13 0.75 9.65 8.30
C ASN A 13 -0.63 9.32 7.83
N PRO A 14 -0.74 8.48 6.78
CA PRO A 14 -2.01 8.06 6.25
C PRO A 14 -2.56 6.83 6.97
N SER A 15 -3.84 6.65 6.88
CA SER A 15 -4.49 5.52 7.45
C SER A 15 -4.34 4.33 6.50
N GLU A 16 -4.62 3.12 6.99
CA GLU A 16 -4.52 1.90 6.21
C GLU A 16 -5.31 2.02 4.92
N GLY A 17 -6.52 2.56 5.02
CA GLY A 17 -7.40 2.71 3.86
C GLY A 17 -6.81 3.58 2.77
N GLU A 18 -6.18 4.67 3.19
CA GLU A 18 -5.58 5.61 2.26
C GLU A 18 -4.42 4.93 1.53
N CYS A 19 -3.54 4.31 2.33
CA CYS A 19 -2.42 3.57 1.80
C CYS A 19 -2.89 2.43 0.89
N LYS A 20 -3.87 1.69 1.36
CA LYS A 20 -4.40 0.52 0.68
C LYS A 20 -4.92 0.89 -0.70
N LYS A 21 -5.69 1.96 -0.76
CA LYS A 21 -6.25 2.41 -2.01
C LYS A 21 -5.16 2.89 -2.96
N ALA A 22 -4.15 3.55 -2.41
CA ALA A 22 -3.01 3.98 -3.21
C ALA A 22 -2.24 2.75 -3.73
N CYS A 23 -2.02 1.78 -2.83
CA CYS A 23 -1.36 0.52 -3.17
C CYS A 23 -2.11 -0.20 -4.28
N ALA A 24 -3.42 -0.19 -4.17
CA ALA A 24 -4.27 -0.82 -5.15
C ALA A 24 -4.11 -0.17 -6.51
N ASP A 25 -4.39 1.11 -6.59
CA ASP A 25 -4.34 1.88 -7.85
C ASP A 25 -2.98 1.77 -8.52
N ALA A 26 -1.94 1.85 -7.73
CA ALA A 26 -0.60 1.81 -8.26
C ALA A 26 -0.15 0.42 -8.66
N PHE A 27 -0.76 -0.62 -8.10
CA PHE A 27 -0.22 -1.97 -8.34
C PHE A 27 -1.17 -2.94 -8.99
N ALA A 28 -2.39 -2.98 -8.54
CA ALA A 28 -3.33 -3.98 -9.02
C ALA A 28 -4.48 -3.32 -9.77
N ASN A 29 -4.22 -2.14 -10.32
CA ASN A 29 -5.20 -1.36 -11.13
C ASN A 29 -6.43 -0.98 -10.33
N GLY A 30 -6.32 -1.01 -9.02
CA GLY A 30 -7.45 -0.66 -8.19
C GLY A 30 -7.91 -1.80 -7.32
N ASP A 31 -7.47 -3.01 -7.65
CA ASP A 31 -7.84 -4.18 -6.87
C ASP A 31 -7.14 -4.20 -5.52
N GLN A 32 -7.91 -4.31 -4.48
CA GLN A 32 -7.40 -4.32 -3.13
C GLN A 32 -7.31 -5.74 -2.58
N SER A 33 -7.52 -6.72 -3.45
CA SER A 33 -7.54 -8.11 -3.03
C SER A 33 -6.12 -8.66 -3.01
N LYS A 34 -5.32 -8.24 -3.99
CA LYS A 34 -3.94 -8.68 -4.09
C LYS A 34 -3.09 -8.03 -2.97
N ILE A 35 -3.65 -7.02 -2.38
CA ILE A 35 -3.02 -6.32 -1.30
C ILE A 35 -3.42 -7.00 0.00
N ALA A 36 -2.45 -7.48 0.75
CA ALA A 36 -2.73 -8.15 2.02
C ALA A 36 -3.08 -7.10 3.06
N LYS A 37 -2.25 -6.09 3.14
CA LYS A 37 -2.44 -5.02 4.07
C LYS A 37 -1.60 -3.85 3.57
N ALA A 38 -1.76 -2.72 4.19
CA ALA A 38 -1.01 -1.54 3.86
C ALA A 38 -0.73 -0.79 5.12
N GLU A 39 0.51 -0.59 5.40
CA GLU A 39 0.94 0.04 6.63
C GLU A 39 1.62 1.34 6.34
N ASN A 40 1.70 2.18 7.33
CA ASN A 40 2.44 3.40 7.22
C ASN A 40 3.91 3.04 7.32
N PHE A 41 4.64 3.21 6.25
CA PHE A 41 6.03 2.80 6.21
C PHE A 41 6.90 3.85 6.84
N LYS A 42 6.61 5.08 6.54
CA LYS A 42 7.38 6.20 6.95
C LYS A 42 6.52 7.42 6.72
N ASP A 43 6.93 8.54 7.22
CA ASP A 43 6.26 9.79 6.97
C ASP A 43 6.23 10.04 5.48
N TYR A 44 5.01 10.06 4.92
CA TYR A 44 4.72 10.22 3.48
C TYR A 44 4.90 8.93 2.69
N TYR A 45 5.03 7.82 3.37
CA TYR A 45 5.23 6.55 2.69
C TYR A 45 4.36 5.44 3.28
N CYS A 46 3.94 4.56 2.44
CA CYS A 46 3.13 3.44 2.84
C CYS A 46 3.79 2.16 2.35
N ASN A 47 3.65 1.12 3.11
CA ASN A 47 4.19 -0.18 2.74
C ASN A 47 3.05 -0.99 2.22
N CYS A 48 3.13 -1.37 1.00
CA CYS A 48 2.14 -2.19 0.40
C CYS A 48 2.57 -3.61 0.52
N HIS A 49 1.75 -4.41 1.15
CA HIS A 49 2.05 -5.80 1.35
C HIS A 49 1.37 -6.52 0.23
N ILE A 50 2.07 -6.74 -0.83
CA ILE A 50 1.44 -7.29 -2.01
C ILE A 50 1.71 -8.77 -2.09
N ILE A 51 0.66 -9.54 -2.20
CA ILE A 51 0.78 -10.97 -2.29
C ILE A 51 1.26 -11.32 -3.70
N ILE A 52 2.44 -11.91 -3.78
CA ILE A 52 3.08 -12.23 -5.06
C ILE A 52 2.27 -13.28 -5.84
N HIS A 53 1.69 -14.21 -5.12
CA HIS A 53 0.83 -15.21 -5.71
C HIS A 53 -0.30 -15.50 -4.74
N GLU A 1 2.81 -15.84 -0.79
CA GLU A 1 4.04 -15.07 -0.76
C GLU A 1 3.73 -13.59 -0.94
N GLU A 2 4.14 -12.81 0.02
CA GLU A 2 3.94 -11.37 0.00
C GLU A 2 5.28 -10.69 0.09
N THR A 3 5.34 -9.48 -0.38
CA THR A 3 6.53 -8.70 -0.30
C THR A 3 6.13 -7.31 0.19
N GLU A 4 6.99 -6.66 0.94
CA GLU A 4 6.70 -5.35 1.47
C GLU A 4 7.43 -4.30 0.66
N GLU A 5 6.70 -3.45 0.01
CA GLU A 5 7.30 -2.40 -0.78
C GLU A 5 6.68 -1.06 -0.37
N PRO A 6 7.51 -0.05 -0.02
CA PRO A 6 7.02 1.25 0.40
C PRO A 6 6.78 2.20 -0.78
N ILE A 7 5.56 2.58 -0.95
CA ILE A 7 5.18 3.49 -2.00
C ILE A 7 5.18 4.90 -1.45
N ARG A 8 5.17 5.86 -2.32
CA ARG A 8 5.13 7.25 -1.96
C ARG A 8 3.67 7.67 -1.95
N HIS A 9 3.21 8.18 -0.85
CA HIS A 9 1.84 8.56 -0.71
C HIS A 9 1.76 10.09 -0.59
N ALA A 10 0.60 10.64 -0.85
CA ALA A 10 0.41 12.08 -0.81
C ALA A 10 -0.01 12.56 0.58
N LYS A 11 0.22 11.75 1.57
CA LYS A 11 -0.13 12.11 2.93
C LYS A 11 1.05 11.83 3.79
N LYS A 12 1.38 12.76 4.64
CA LYS A 12 2.45 12.61 5.59
C LYS A 12 2.15 11.43 6.48
N ASN A 13 0.93 11.43 7.00
CA ASN A 13 0.45 10.37 7.84
C ASN A 13 -0.86 9.86 7.30
N PRO A 14 -0.81 8.84 6.47
CA PRO A 14 -1.99 8.19 5.97
C PRO A 14 -2.41 7.04 6.88
N SER A 15 -3.68 6.80 6.93
CA SER A 15 -4.22 5.69 7.67
C SER A 15 -4.06 4.41 6.83
N GLU A 16 -4.34 3.27 7.42
CA GLU A 16 -4.18 1.99 6.73
C GLU A 16 -5.10 1.92 5.50
N GLY A 17 -6.28 2.51 5.64
CA GLY A 17 -7.23 2.55 4.54
C GLY A 17 -6.73 3.37 3.37
N GLU A 18 -6.11 4.50 3.66
CA GLU A 18 -5.56 5.38 2.62
C GLU A 18 -4.43 4.70 1.92
N CYS A 19 -3.55 4.10 2.70
CA CYS A 19 -2.43 3.36 2.17
C CYS A 19 -2.90 2.20 1.30
N LYS A 20 -3.86 1.42 1.80
CA LYS A 20 -4.35 0.26 1.07
C LYS A 20 -5.01 0.68 -0.24
N LYS A 21 -5.73 1.79 -0.21
CA LYS A 21 -6.35 2.36 -1.40
C LYS A 21 -5.28 2.71 -2.44
N ALA A 22 -4.22 3.37 -2.00
CA ALA A 22 -3.14 3.77 -2.88
C ALA A 22 -2.36 2.56 -3.39
N CYS A 23 -1.99 1.66 -2.46
CA CYS A 23 -1.26 0.43 -2.79
C CYS A 23 -2.00 -0.35 -3.85
N ALA A 24 -3.30 -0.40 -3.72
CA ALA A 24 -4.12 -1.09 -4.66
C ALA A 24 -4.09 -0.40 -6.01
N ASP A 25 -4.45 0.88 -6.03
CA ASP A 25 -4.58 1.64 -7.27
C ASP A 25 -3.27 1.65 -8.05
N ALA A 26 -2.18 1.79 -7.35
CA ALA A 26 -0.87 1.86 -7.97
C ALA A 26 -0.34 0.48 -8.40
N PHE A 27 -0.85 -0.59 -7.81
CA PHE A 27 -0.29 -1.92 -8.12
C PHE A 27 -1.23 -2.80 -8.92
N ALA A 28 -2.48 -2.81 -8.55
CA ALA A 28 -3.45 -3.66 -9.19
C ALA A 28 -4.46 -2.83 -9.98
N ASN A 29 -4.19 -1.53 -10.07
CA ASN A 29 -5.01 -0.55 -10.83
C ASN A 29 -6.37 -0.29 -10.20
N GLY A 30 -6.54 -0.68 -8.97
CA GLY A 30 -7.79 -0.44 -8.29
C GLY A 30 -8.16 -1.55 -7.37
N ASP A 31 -7.89 -2.75 -7.79
CA ASP A 31 -8.18 -3.95 -7.00
C ASP A 31 -7.35 -3.97 -5.71
N GLN A 32 -8.01 -4.17 -4.61
CA GLN A 32 -7.37 -4.21 -3.31
C GLN A 32 -7.13 -5.64 -2.83
N SER A 33 -7.27 -6.61 -3.71
CA SER A 33 -7.11 -7.99 -3.33
C SER A 33 -5.66 -8.40 -3.49
N LYS A 34 -4.97 -7.76 -4.42
CA LYS A 34 -3.55 -7.98 -4.70
C LYS A 34 -2.70 -7.50 -3.52
N ILE A 35 -3.28 -6.64 -2.70
CA ILE A 35 -2.62 -6.09 -1.54
C ILE A 35 -3.23 -6.73 -0.30
N ALA A 36 -2.42 -7.40 0.49
CA ALA A 36 -2.91 -8.09 1.66
C ALA A 36 -3.06 -7.13 2.83
N LYS A 37 -2.10 -6.28 2.98
CA LYS A 37 -2.05 -5.34 4.07
C LYS A 37 -1.31 -4.12 3.57
N ALA A 38 -1.64 -3.00 4.09
CA ALA A 38 -0.91 -1.80 3.82
C ALA A 38 -0.79 -1.05 5.11
N GLU A 39 0.19 -0.22 5.23
CA GLU A 39 0.42 0.45 6.49
C GLU A 39 1.31 1.67 6.30
N ASN A 40 1.22 2.64 7.19
CA ASN A 40 2.10 3.81 7.13
C ASN A 40 3.52 3.35 7.41
N PHE A 41 4.40 3.59 6.48
CA PHE A 41 5.78 3.16 6.58
C PHE A 41 6.62 4.26 7.20
N LYS A 42 6.50 5.43 6.63
CA LYS A 42 7.27 6.57 7.01
C LYS A 42 6.45 7.77 6.57
N ASP A 43 6.86 8.98 6.92
CA ASP A 43 6.20 10.19 6.46
C ASP A 43 6.13 10.17 4.94
N TYR A 44 4.90 10.16 4.42
CA TYR A 44 4.63 10.11 2.96
C TYR A 44 4.90 8.76 2.34
N TYR A 45 5.02 7.73 3.14
CA TYR A 45 5.25 6.40 2.62
C TYR A 45 4.31 5.39 3.21
N CYS A 46 3.85 4.52 2.37
CA CYS A 46 2.99 3.45 2.77
C CYS A 46 3.62 2.15 2.37
N ASN A 47 3.69 1.24 3.28
CA ASN A 47 4.24 -0.06 3.03
C ASN A 47 3.13 -0.92 2.53
N CYS A 48 3.30 -1.43 1.37
CA CYS A 48 2.33 -2.26 0.76
C CYS A 48 2.78 -3.70 0.81
N HIS A 49 1.93 -4.54 1.30
CA HIS A 49 2.21 -5.94 1.42
C HIS A 49 1.55 -6.59 0.25
N ILE A 50 2.31 -6.74 -0.78
CA ILE A 50 1.82 -7.16 -2.05
C ILE A 50 1.85 -8.68 -2.14
N ILE A 51 0.74 -9.27 -2.45
CA ILE A 51 0.69 -10.70 -2.60
C ILE A 51 1.23 -11.06 -3.98
N ILE A 52 2.48 -11.45 -4.03
CA ILE A 52 3.12 -11.83 -5.27
C ILE A 52 2.46 -13.08 -5.80
N HIS A 53 2.40 -14.07 -4.96
CA HIS A 53 1.84 -15.33 -5.31
C HIS A 53 1.16 -15.87 -4.07
N GLU A 1 3.81 -14.41 2.19
CA GLU A 1 3.55 -14.53 0.75
C GLU A 1 3.43 -13.14 0.11
N GLU A 2 4.03 -12.15 0.75
CA GLU A 2 3.91 -10.79 0.28
C GLU A 2 5.28 -10.25 -0.11
N THR A 3 5.25 -9.21 -0.88
CA THR A 3 6.39 -8.41 -1.21
C THR A 3 6.10 -7.02 -0.69
N GLU A 4 6.97 -6.51 0.15
CA GLU A 4 6.76 -5.24 0.81
C GLU A 4 7.43 -4.09 0.07
N GLU A 5 6.61 -3.29 -0.54
CA GLU A 5 7.09 -2.18 -1.31
C GLU A 5 6.62 -0.86 -0.68
N PRO A 6 7.55 -0.06 -0.13
CA PRO A 6 7.22 1.27 0.37
C PRO A 6 7.00 2.25 -0.78
N ILE A 7 5.79 2.72 -0.89
CA ILE A 7 5.40 3.65 -1.93
C ILE A 7 5.31 5.05 -1.35
N ARG A 8 5.29 6.04 -2.21
CA ARG A 8 5.10 7.40 -1.78
C ARG A 8 3.60 7.67 -1.75
N HIS A 9 3.12 8.26 -0.68
CA HIS A 9 1.71 8.55 -0.53
C HIS A 9 1.56 10.07 -0.37
N ALA A 10 0.39 10.61 -0.64
CA ALA A 10 0.16 12.05 -0.55
C ALA A 10 -0.15 12.52 0.88
N LYS A 11 -0.28 11.59 1.79
CA LYS A 11 -0.55 11.92 3.16
C LYS A 11 0.58 11.41 4.01
N LYS A 12 0.99 12.24 4.93
CA LYS A 12 2.09 11.99 5.85
C LYS A 12 1.88 10.71 6.65
N ASN A 13 0.74 10.61 7.26
CA ASN A 13 0.44 9.49 8.15
C ASN A 13 -0.98 9.05 7.87
N PRO A 14 -1.15 8.15 6.91
CA PRO A 14 -2.46 7.69 6.48
C PRO A 14 -2.89 6.37 7.12
N SER A 15 -4.14 6.02 6.91
CA SER A 15 -4.69 4.78 7.35
C SER A 15 -4.56 3.75 6.22
N GLU A 16 -4.96 2.52 6.46
CA GLU A 16 -4.89 1.53 5.43
C GLU A 16 -5.89 1.74 4.34
N GLY A 17 -6.91 2.53 4.61
CA GLY A 17 -7.84 2.90 3.56
C GLY A 17 -7.11 3.66 2.50
N GLU A 18 -6.45 4.72 2.93
CA GLU A 18 -5.63 5.56 2.06
C GLU A 18 -4.51 4.75 1.43
N CYS A 19 -3.75 4.06 2.26
CA CYS A 19 -2.62 3.33 1.77
C CYS A 19 -2.97 2.15 0.90
N LYS A 20 -3.97 1.34 1.28
CA LYS A 20 -4.33 0.25 0.41
C LYS A 20 -4.89 0.77 -0.89
N LYS A 21 -5.58 1.92 -0.84
CA LYS A 21 -6.07 2.57 -2.05
C LYS A 21 -4.90 2.86 -2.97
N ALA A 22 -3.90 3.54 -2.47
CA ALA A 22 -2.72 3.89 -3.26
C ALA A 22 -1.95 2.64 -3.70
N CYS A 23 -1.73 1.71 -2.77
CA CYS A 23 -1.03 0.45 -3.05
C CYS A 23 -1.73 -0.31 -4.16
N ALA A 24 -3.04 -0.33 -4.12
CA ALA A 24 -3.81 -1.02 -5.10
C ALA A 24 -3.81 -0.26 -6.39
N ASP A 25 -4.13 1.01 -6.31
CA ASP A 25 -4.31 1.89 -7.45
C ASP A 25 -3.08 1.91 -8.35
N ALA A 26 -1.93 2.00 -7.74
CA ALA A 26 -0.68 2.09 -8.47
C ALA A 26 -0.04 0.72 -8.77
N PHE A 27 -0.66 -0.37 -8.31
CA PHE A 27 -0.06 -1.71 -8.54
C PHE A 27 -1.02 -2.72 -9.15
N ALA A 28 -2.22 -2.74 -8.65
CA ALA A 28 -3.24 -3.70 -9.06
C ALA A 28 -4.43 -2.98 -9.68
N ASN A 29 -4.21 -1.73 -10.07
CA ASN A 29 -5.22 -0.89 -10.74
C ASN A 29 -6.43 -0.59 -9.87
N GLY A 30 -6.31 -0.81 -8.58
CA GLY A 30 -7.42 -0.52 -7.70
C GLY A 30 -7.86 -1.70 -6.88
N ASP A 31 -7.40 -2.89 -7.22
CA ASP A 31 -7.77 -4.09 -6.47
C ASP A 31 -7.03 -4.13 -5.14
N GLN A 32 -7.76 -4.02 -4.06
CA GLN A 32 -7.18 -3.98 -2.73
C GLN A 32 -7.09 -5.37 -2.12
N SER A 33 -7.45 -6.37 -2.89
CA SER A 33 -7.41 -7.74 -2.43
C SER A 33 -6.01 -8.33 -2.60
N LYS A 34 -5.33 -7.91 -3.67
CA LYS A 34 -3.95 -8.31 -3.94
C LYS A 34 -2.99 -7.63 -2.94
N ILE A 35 -3.50 -6.65 -2.24
CA ILE A 35 -2.76 -5.96 -1.23
C ILE A 35 -3.21 -6.52 0.12
N ALA A 36 -2.38 -7.34 0.72
CA ALA A 36 -2.72 -8.04 1.96
C ALA A 36 -2.82 -7.07 3.12
N LYS A 37 -1.92 -6.14 3.16
CA LYS A 37 -1.84 -5.19 4.22
C LYS A 37 -1.09 -3.97 3.71
N ALA A 38 -1.22 -2.89 4.40
CA ALA A 38 -0.46 -1.72 4.16
C ALA A 38 0.01 -1.23 5.50
N GLU A 39 1.05 -0.48 5.53
CA GLU A 39 1.52 0.05 6.78
C GLU A 39 2.19 1.37 6.55
N ASN A 40 2.09 2.28 7.49
CA ASN A 40 2.78 3.53 7.38
C ASN A 40 4.26 3.26 7.56
N PHE A 41 4.99 3.47 6.50
CA PHE A 41 6.38 3.18 6.48
C PHE A 41 7.14 4.35 7.06
N LYS A 42 6.73 5.51 6.67
CA LYS A 42 7.39 6.73 7.03
C LYS A 42 6.45 7.84 6.62
N ASP A 43 6.79 9.07 6.92
CA ASP A 43 6.01 10.23 6.55
C ASP A 43 5.89 10.26 5.05
N TYR A 44 4.66 10.15 4.56
CA TYR A 44 4.34 10.14 3.12
C TYR A 44 4.76 8.85 2.46
N TYR A 45 4.90 7.80 3.24
CA TYR A 45 5.27 6.51 2.70
C TYR A 45 4.45 5.41 3.30
N CYS A 46 4.02 4.51 2.48
CA CYS A 46 3.30 3.35 2.91
C CYS A 46 3.87 2.09 2.34
N ASN A 47 4.04 1.15 3.20
CA ASN A 47 4.58 -0.13 2.85
C ASN A 47 3.43 -1.01 2.42
N CYS A 48 3.43 -1.31 1.17
CA CYS A 48 2.42 -2.13 0.57
C CYS A 48 2.84 -3.57 0.63
N HIS A 49 1.97 -4.40 1.14
CA HIS A 49 2.25 -5.80 1.25
C HIS A 49 1.51 -6.46 0.14
N ILE A 50 2.19 -6.60 -0.95
CA ILE A 50 1.57 -7.11 -2.14
C ILE A 50 1.69 -8.61 -2.16
N ILE A 51 0.57 -9.28 -2.27
CA ILE A 51 0.56 -10.73 -2.31
C ILE A 51 1.21 -11.19 -3.60
N ILE A 52 2.20 -12.05 -3.50
CA ILE A 52 2.95 -12.54 -4.65
C ILE A 52 2.07 -13.39 -5.58
N HIS A 53 1.11 -14.07 -4.99
CA HIS A 53 0.21 -14.93 -5.74
C HIS A 53 -0.76 -14.06 -6.54
N GLU A 1 2.77 -15.94 -1.11
CA GLU A 1 4.01 -15.23 -0.89
C GLU A 1 3.77 -13.71 -1.01
N GLU A 2 3.93 -13.03 0.12
CA GLU A 2 3.76 -11.59 0.21
C GLU A 2 5.12 -10.92 0.18
N THR A 3 5.15 -9.68 -0.20
CA THR A 3 6.36 -8.91 -0.16
C THR A 3 6.03 -7.45 0.15
N GLU A 4 6.83 -6.84 1.01
CA GLU A 4 6.66 -5.46 1.39
C GLU A 4 7.27 -4.56 0.35
N GLU A 5 6.55 -3.55 -0.02
CA GLU A 5 7.00 -2.60 -1.00
C GLU A 5 6.56 -1.19 -0.59
N PRO A 6 7.50 -0.35 -0.13
CA PRO A 6 7.22 1.04 0.27
C PRO A 6 6.94 1.95 -0.92
N ILE A 7 5.75 2.48 -0.97
CA ILE A 7 5.32 3.38 -2.02
C ILE A 7 5.18 4.78 -1.46
N ARG A 8 4.99 5.74 -2.32
CA ARG A 8 4.76 7.11 -1.95
C ARG A 8 3.27 7.33 -1.75
N HIS A 9 2.92 8.17 -0.81
CA HIS A 9 1.52 8.52 -0.59
C HIS A 9 1.44 10.01 -0.36
N ALA A 10 0.47 10.66 -0.96
CA ALA A 10 0.33 12.09 -0.82
C ALA A 10 -0.45 12.50 0.43
N LYS A 11 0.17 12.30 1.57
CA LYS A 11 -0.32 12.68 2.88
C LYS A 11 0.76 12.30 3.84
N LYS A 12 1.06 13.17 4.79
CA LYS A 12 2.13 12.95 5.76
C LYS A 12 1.96 11.62 6.47
N ASN A 13 0.82 11.44 7.08
CA ASN A 13 0.56 10.21 7.80
C ASN A 13 -0.81 9.65 7.42
N PRO A 14 -0.86 8.89 6.32
CA PRO A 14 -2.08 8.23 5.88
C PRO A 14 -2.44 7.05 6.76
N SER A 15 -3.68 6.66 6.69
CA SER A 15 -4.18 5.56 7.47
C SER A 15 -4.02 4.25 6.66
N GLU A 16 -4.27 3.11 7.31
CA GLU A 16 -4.14 1.79 6.70
C GLU A 16 -5.01 1.68 5.44
N GLY A 17 -6.25 2.13 5.53
CA GLY A 17 -7.16 2.09 4.40
C GLY A 17 -6.67 2.96 3.25
N GLU A 18 -6.14 4.13 3.59
CA GLU A 18 -5.58 5.06 2.61
C GLU A 18 -4.43 4.43 1.88
N CYS A 19 -3.49 3.91 2.66
CA CYS A 19 -2.34 3.23 2.13
C CYS A 19 -2.75 2.05 1.28
N LYS A 20 -3.70 1.26 1.76
CA LYS A 20 -4.13 0.06 1.07
C LYS A 20 -4.74 0.44 -0.29
N LYS A 21 -5.47 1.53 -0.32
CA LYS A 21 -6.06 2.04 -1.55
C LYS A 21 -4.96 2.48 -2.51
N ALA A 22 -3.98 3.19 -2.00
CA ALA A 22 -2.86 3.67 -2.79
C ALA A 22 -2.05 2.50 -3.35
N CYS A 23 -1.79 1.52 -2.50
CA CYS A 23 -1.06 0.31 -2.89
C CYS A 23 -1.81 -0.43 -3.97
N ALA A 24 -3.13 -0.45 -3.85
CA ALA A 24 -3.97 -1.07 -4.84
C ALA A 24 -3.85 -0.28 -6.14
N ASP A 25 -4.12 0.99 -6.04
CA ASP A 25 -4.12 1.95 -7.15
C ASP A 25 -2.83 1.88 -7.96
N ALA A 26 -1.71 1.89 -7.28
CA ALA A 26 -0.40 1.91 -7.91
C ALA A 26 0.06 0.54 -8.41
N PHE A 27 -0.61 -0.53 -7.99
CA PHE A 27 -0.13 -1.86 -8.38
C PHE A 27 -1.16 -2.66 -9.13
N ALA A 28 -2.33 -2.76 -8.58
CA ALA A 28 -3.39 -3.56 -9.15
C ALA A 28 -4.43 -2.65 -9.80
N ASN A 29 -4.07 -1.38 -9.94
CA ASN A 29 -4.90 -0.35 -10.61
C ASN A 29 -6.24 -0.16 -9.95
N GLY A 30 -6.28 -0.33 -8.65
CA GLY A 30 -7.50 -0.10 -7.92
C GLY A 30 -7.91 -1.30 -7.11
N ASP A 31 -7.58 -2.47 -7.62
CA ASP A 31 -7.93 -3.71 -6.95
C ASP A 31 -7.18 -3.88 -5.63
N GLN A 32 -7.91 -3.80 -4.54
CA GLN A 32 -7.32 -3.89 -3.20
C GLN A 32 -7.11 -5.35 -2.81
N SER A 33 -7.68 -6.24 -3.57
CA SER A 33 -7.69 -7.66 -3.27
C SER A 33 -6.27 -8.26 -3.23
N LYS A 34 -5.37 -7.71 -4.04
CA LYS A 34 -3.99 -8.23 -4.12
C LYS A 34 -3.11 -7.63 -3.04
N ILE A 35 -3.68 -6.74 -2.26
CA ILE A 35 -2.97 -6.13 -1.19
C ILE A 35 -3.50 -6.74 0.09
N ALA A 36 -2.65 -7.41 0.82
CA ALA A 36 -3.07 -8.07 2.03
C ALA A 36 -3.22 -7.05 3.15
N LYS A 37 -2.33 -6.08 3.16
CA LYS A 37 -2.35 -5.00 4.12
C LYS A 37 -1.41 -3.93 3.62
N ALA A 38 -1.65 -2.71 4.03
CA ALA A 38 -0.75 -1.63 3.76
C ALA A 38 -0.71 -0.75 4.97
N GLU A 39 0.46 -0.51 5.47
CA GLU A 39 0.65 0.25 6.69
C GLU A 39 1.51 1.47 6.38
N ASN A 40 1.50 2.46 7.26
CA ASN A 40 2.33 3.62 7.08
C ASN A 40 3.78 3.25 7.25
N PHE A 41 4.57 3.53 6.25
CA PHE A 41 5.98 3.20 6.25
C PHE A 41 6.77 4.35 6.86
N LYS A 42 6.42 5.54 6.44
CA LYS A 42 7.10 6.73 6.83
C LYS A 42 6.22 7.88 6.36
N ASP A 43 6.59 9.09 6.68
CA ASP A 43 5.87 10.27 6.25
C ASP A 43 5.80 10.31 4.76
N TYR A 44 4.58 10.30 4.23
CA TYR A 44 4.30 10.30 2.79
C TYR A 44 4.69 8.97 2.13
N TYR A 45 4.76 7.90 2.92
CA TYR A 45 5.11 6.58 2.40
C TYR A 45 4.27 5.48 3.04
N CYS A 46 3.90 4.52 2.24
CA CYS A 46 3.12 3.41 2.71
C CYS A 46 3.81 2.11 2.36
N ASN A 47 3.77 1.18 3.26
CA ASN A 47 4.38 -0.11 3.09
C ASN A 47 3.31 -1.07 2.66
N CYS A 48 3.39 -1.48 1.43
CA CYS A 48 2.40 -2.34 0.86
C CYS A 48 2.79 -3.79 1.00
N HIS A 49 1.88 -4.59 1.48
CA HIS A 49 2.10 -6.00 1.60
C HIS A 49 1.36 -6.61 0.46
N ILE A 50 2.07 -6.79 -0.60
CA ILE A 50 1.47 -7.20 -1.83
C ILE A 50 1.60 -8.70 -1.96
N ILE A 51 0.55 -9.34 -2.38
CA ILE A 51 0.60 -10.73 -2.65
C ILE A 51 1.19 -10.90 -4.04
N ILE A 52 2.43 -11.30 -4.08
CA ILE A 52 3.16 -11.41 -5.32
C ILE A 52 2.82 -12.73 -5.98
N HIS A 53 2.85 -13.77 -5.20
CA HIS A 53 2.54 -15.10 -5.65
C HIS A 53 1.53 -15.66 -4.70
N GLU A 1 3.88 -16.19 -0.34
CA GLU A 1 5.03 -15.29 -0.40
C GLU A 1 4.58 -13.90 -0.82
N GLU A 2 5.01 -12.93 -0.07
CA GLU A 2 4.57 -11.56 -0.26
C GLU A 2 5.77 -10.65 -0.42
N THR A 3 5.55 -9.51 -0.98
CA THR A 3 6.61 -8.54 -1.12
C THR A 3 6.21 -7.25 -0.43
N GLU A 4 7.15 -6.67 0.26
CA GLU A 4 6.97 -5.44 0.98
C GLU A 4 7.45 -4.31 0.09
N GLU A 5 6.54 -3.54 -0.39
CA GLU A 5 6.91 -2.47 -1.28
C GLU A 5 6.51 -1.12 -0.67
N PRO A 6 7.49 -0.34 -0.20
CA PRO A 6 7.24 0.99 0.31
C PRO A 6 6.98 1.98 -0.83
N ILE A 7 5.78 2.47 -0.88
CA ILE A 7 5.37 3.43 -1.87
C ILE A 7 5.32 4.80 -1.24
N ARG A 8 5.16 5.80 -2.04
CA ARG A 8 5.02 7.14 -1.55
C ARG A 8 3.56 7.50 -1.53
N HIS A 9 3.16 8.27 -0.56
CA HIS A 9 1.79 8.69 -0.42
C HIS A 9 1.79 10.22 -0.39
N ALA A 10 0.75 10.83 -0.91
CA ALA A 10 0.70 12.30 -0.98
C ALA A 10 0.24 12.95 0.32
N LYS A 11 -0.34 12.18 1.20
CA LYS A 11 -0.78 12.71 2.47
C LYS A 11 0.20 12.25 3.51
N LYS A 12 0.60 13.17 4.38
CA LYS A 12 1.67 12.96 5.37
C LYS A 12 1.55 11.68 6.16
N ASN A 13 0.44 11.49 6.79
CA ASN A 13 0.35 10.36 7.68
C ASN A 13 -0.94 9.63 7.47
N PRO A 14 -0.91 8.63 6.60
CA PRO A 14 -2.07 7.83 6.26
C PRO A 14 -2.26 6.58 7.13
N SER A 15 -3.50 6.22 7.31
CA SER A 15 -3.86 4.98 7.94
C SER A 15 -3.98 3.92 6.84
N GLU A 16 -4.28 2.66 7.21
CA GLU A 16 -4.36 1.55 6.25
C GLU A 16 -5.29 1.84 5.08
N GLY A 17 -6.40 2.52 5.32
CA GLY A 17 -7.36 2.82 4.26
C GLY A 17 -6.74 3.64 3.14
N GLU A 18 -5.96 4.63 3.52
CA GLU A 18 -5.30 5.51 2.56
C GLU A 18 -4.19 4.76 1.85
N CYS A 19 -3.38 4.08 2.62
CA CYS A 19 -2.31 3.29 2.07
C CYS A 19 -2.84 2.22 1.14
N LYS A 20 -3.91 1.54 1.56
CA LYS A 20 -4.51 0.48 0.77
C LYS A 20 -5.03 1.05 -0.54
N LYS A 21 -5.68 2.22 -0.48
CA LYS A 21 -6.20 2.85 -1.68
C LYS A 21 -5.07 3.15 -2.66
N ALA A 22 -3.99 3.72 -2.15
CA ALA A 22 -2.83 4.05 -2.95
C ALA A 22 -2.16 2.80 -3.50
N CYS A 23 -1.85 1.85 -2.62
CA CYS A 23 -1.19 0.59 -3.00
C CYS A 23 -2.00 -0.15 -4.06
N ALA A 24 -3.31 -0.12 -3.93
CA ALA A 24 -4.18 -0.77 -4.87
C ALA A 24 -4.09 -0.09 -6.21
N ASP A 25 -4.42 1.18 -6.21
CA ASP A 25 -4.49 2.00 -7.44
C ASP A 25 -3.15 2.00 -8.18
N ALA A 26 -2.07 2.07 -7.44
CA ALA A 26 -0.73 2.12 -8.01
C ALA A 26 -0.19 0.74 -8.41
N PHE A 27 -0.81 -0.34 -7.96
CA PHE A 27 -0.26 -1.68 -8.28
C PHE A 27 -1.20 -2.57 -9.03
N ALA A 28 -2.44 -2.61 -8.63
CA ALA A 28 -3.42 -3.46 -9.25
C ALA A 28 -4.49 -2.61 -9.91
N ASN A 29 -4.17 -1.32 -10.06
CA ASN A 29 -5.04 -0.32 -10.72
C ASN A 29 -6.39 -0.19 -10.06
N GLY A 30 -6.48 -0.51 -8.80
CA GLY A 30 -7.72 -0.34 -8.10
C GLY A 30 -8.08 -1.51 -7.22
N ASP A 31 -7.57 -2.68 -7.55
CA ASP A 31 -7.88 -3.88 -6.78
C ASP A 31 -7.22 -3.85 -5.42
N GLN A 32 -8.03 -3.93 -4.39
CA GLN A 32 -7.56 -3.85 -3.02
C GLN A 32 -7.39 -5.23 -2.38
N SER A 33 -7.53 -6.27 -3.16
CA SER A 33 -7.39 -7.63 -2.65
C SER A 33 -5.96 -8.12 -2.90
N LYS A 34 -5.37 -7.65 -3.99
CA LYS A 34 -3.99 -7.98 -4.39
C LYS A 34 -3.01 -7.47 -3.33
N ILE A 35 -3.39 -6.40 -2.70
CA ILE A 35 -2.64 -5.83 -1.62
C ILE A 35 -3.31 -6.30 -0.34
N ALA A 36 -2.65 -7.16 0.40
CA ALA A 36 -3.24 -7.71 1.62
C ALA A 36 -3.44 -6.61 2.64
N LYS A 37 -2.35 -6.02 3.00
CA LYS A 37 -2.34 -4.94 3.92
C LYS A 37 -1.45 -3.86 3.38
N ALA A 38 -1.59 -2.70 3.92
CA ALA A 38 -0.76 -1.60 3.59
C ALA A 38 -0.69 -0.74 4.79
N GLU A 39 0.48 -0.56 5.32
CA GLU A 39 0.61 0.16 6.56
C GLU A 39 1.53 1.33 6.40
N ASN A 40 1.57 2.18 7.40
CA ASN A 40 2.43 3.35 7.39
C ASN A 40 3.87 2.93 7.50
N PHE A 41 4.64 3.30 6.53
CA PHE A 41 6.05 2.98 6.53
C PHE A 41 6.79 4.12 7.20
N LYS A 42 6.46 5.32 6.79
CA LYS A 42 7.10 6.51 7.25
C LYS A 42 6.16 7.62 6.79
N ASP A 43 6.38 8.86 7.18
CA ASP A 43 5.52 9.93 6.69
C ASP A 43 5.65 10.05 5.20
N TYR A 44 4.51 10.06 4.54
CA TYR A 44 4.38 10.09 3.08
C TYR A 44 4.83 8.76 2.46
N TYR A 45 4.87 7.69 3.24
CA TYR A 45 5.25 6.37 2.73
C TYR A 45 4.37 5.27 3.30
N CYS A 46 4.04 4.33 2.47
CA CYS A 46 3.23 3.20 2.88
C CYS A 46 3.87 1.90 2.44
N ASN A 47 3.89 0.93 3.30
CA ASN A 47 4.43 -0.36 2.98
C ASN A 47 3.31 -1.23 2.49
N CYS A 48 3.33 -1.53 1.22
CA CYS A 48 2.31 -2.34 0.62
C CYS A 48 2.74 -3.78 0.70
N HIS A 49 1.83 -4.61 1.14
CA HIS A 49 2.11 -6.02 1.29
C HIS A 49 1.43 -6.68 0.13
N ILE A 50 2.16 -6.87 -0.91
CA ILE A 50 1.60 -7.35 -2.14
C ILE A 50 1.66 -8.86 -2.18
N ILE A 51 0.54 -9.48 -2.49
CA ILE A 51 0.45 -10.92 -2.55
C ILE A 51 1.03 -11.44 -3.84
N ILE A 52 2.18 -12.05 -3.73
CA ILE A 52 2.82 -12.70 -4.85
C ILE A 52 2.33 -14.15 -4.90
N HIS A 53 1.91 -14.62 -3.73
CA HIS A 53 1.40 -15.95 -3.48
C HIS A 53 2.50 -16.96 -3.66
N GLU A 1 2.01 -15.00 -0.78
CA GLU A 1 3.33 -14.39 -0.67
C GLU A 1 3.23 -12.92 -0.82
N GLU A 2 3.55 -12.27 0.23
CA GLU A 2 3.42 -10.85 0.36
C GLU A 2 4.77 -10.20 0.47
N THR A 3 5.07 -9.37 -0.46
CA THR A 3 6.32 -8.68 -0.50
C THR A 3 6.12 -7.21 -0.12
N GLU A 4 7.05 -6.67 0.63
CA GLU A 4 7.00 -5.31 1.13
C GLU A 4 7.34 -4.34 0.01
N GLU A 5 6.65 -3.26 -0.07
CA GLU A 5 6.92 -2.24 -1.04
C GLU A 5 6.54 -0.87 -0.50
N PRO A 6 7.52 -0.05 -0.12
CA PRO A 6 7.26 1.31 0.33
C PRO A 6 6.88 2.22 -0.84
N ILE A 7 5.65 2.65 -0.85
CA ILE A 7 5.12 3.53 -1.88
C ILE A 7 4.98 4.93 -1.31
N ARG A 8 4.71 5.88 -2.16
CA ARG A 8 4.51 7.25 -1.75
C ARG A 8 3.02 7.50 -1.59
N HIS A 9 2.66 8.34 -0.67
CA HIS A 9 1.28 8.74 -0.53
C HIS A 9 1.27 10.23 -0.22
N ALA A 10 0.21 10.92 -0.55
CA ALA A 10 0.13 12.37 -0.40
C ALA A 10 -0.18 12.82 1.04
N LYS A 11 -0.08 11.94 2.00
CA LYS A 11 -0.39 12.30 3.37
C LYS A 11 0.82 11.99 4.19
N LYS A 12 1.09 12.81 5.18
CA LYS A 12 2.23 12.64 6.07
C LYS A 12 2.14 11.26 6.74
N ASN A 13 1.02 11.01 7.33
CA ASN A 13 0.72 9.76 7.96
C ASN A 13 -0.66 9.33 7.57
N PRO A 14 -0.78 8.62 6.44
CA PRO A 14 -2.06 8.17 5.96
C PRO A 14 -2.55 6.99 6.75
N SER A 15 -3.83 6.79 6.73
CA SER A 15 -4.42 5.67 7.38
C SER A 15 -4.19 4.41 6.54
N GLU A 16 -4.42 3.27 7.12
CA GLU A 16 -4.19 1.99 6.47
C GLU A 16 -5.09 1.85 5.25
N GLY A 17 -6.32 2.38 5.36
CA GLY A 17 -7.25 2.38 4.25
C GLY A 17 -6.71 3.15 3.07
N GLU A 18 -6.23 4.37 3.34
CA GLU A 18 -5.63 5.24 2.32
C GLU A 18 -4.46 4.53 1.65
N CYS A 19 -3.57 4.03 2.48
CA CYS A 19 -2.40 3.31 1.99
C CYS A 19 -2.80 2.14 1.11
N LYS A 20 -3.71 1.28 1.58
CA LYS A 20 -4.11 0.09 0.82
C LYS A 20 -4.72 0.47 -0.51
N LYS A 21 -5.52 1.52 -0.50
CA LYS A 21 -6.17 1.99 -1.70
C LYS A 21 -5.14 2.47 -2.74
N ALA A 22 -4.13 3.18 -2.26
CA ALA A 22 -3.05 3.64 -3.11
C ALA A 22 -2.18 2.48 -3.58
N CYS A 23 -1.91 1.53 -2.68
CA CYS A 23 -1.15 0.32 -3.00
C CYS A 23 -1.88 -0.45 -4.10
N ALA A 24 -3.18 -0.51 -3.97
CA ALA A 24 -4.03 -1.18 -4.93
C ALA A 24 -3.92 -0.48 -6.27
N ASP A 25 -4.25 0.79 -6.28
CA ASP A 25 -4.25 1.63 -7.48
C ASP A 25 -2.93 1.56 -8.24
N ALA A 26 -1.83 1.67 -7.55
CA ALA A 26 -0.52 1.69 -8.18
C ALA A 26 0.03 0.31 -8.53
N PHE A 27 -0.63 -0.76 -8.10
CA PHE A 27 -0.09 -2.08 -8.38
C PHE A 27 -1.07 -2.99 -9.08
N ALA A 28 -2.25 -3.11 -8.55
CA ALA A 28 -3.27 -3.98 -9.11
C ALA A 28 -4.29 -3.15 -9.89
N ASN A 29 -3.91 -1.89 -10.13
CA ASN A 29 -4.72 -0.93 -10.92
C ASN A 29 -6.03 -0.56 -10.25
N GLY A 30 -6.20 -0.92 -9.00
CA GLY A 30 -7.42 -0.61 -8.29
C GLY A 30 -7.85 -1.72 -7.37
N ASP A 31 -7.55 -2.95 -7.75
CA ASP A 31 -7.90 -4.12 -6.94
C ASP A 31 -7.12 -4.12 -5.64
N GLN A 32 -7.84 -4.22 -4.53
CA GLN A 32 -7.20 -4.20 -3.23
C GLN A 32 -6.98 -5.60 -2.70
N SER A 33 -7.37 -6.59 -3.47
CA SER A 33 -7.28 -7.98 -3.04
C SER A 33 -5.84 -8.43 -3.07
N LYS A 34 -5.09 -7.87 -4.01
CA LYS A 34 -3.68 -8.17 -4.18
C LYS A 34 -2.83 -7.47 -3.10
N ILE A 35 -3.46 -6.68 -2.28
CA ILE A 35 -2.78 -6.01 -1.21
C ILE A 35 -3.31 -6.57 0.09
N ALA A 36 -2.49 -7.32 0.78
CA ALA A 36 -2.92 -7.96 2.02
C ALA A 36 -2.99 -6.94 3.13
N LYS A 37 -1.95 -6.17 3.25
CA LYS A 37 -1.83 -5.18 4.28
C LYS A 37 -1.17 -3.96 3.69
N ALA A 38 -1.32 -2.85 4.32
CA ALA A 38 -0.66 -1.62 3.95
C ALA A 38 -0.54 -0.77 5.17
N GLU A 39 0.66 -0.49 5.54
CA GLU A 39 0.95 0.19 6.79
C GLU A 39 1.67 1.49 6.49
N ASN A 40 1.73 2.38 7.44
CA ASN A 40 2.53 3.57 7.26
C ASN A 40 3.99 3.20 7.42
N PHE A 41 4.75 3.51 6.43
CA PHE A 41 6.14 3.18 6.42
C PHE A 41 6.93 4.35 6.97
N LYS A 42 6.65 5.51 6.47
CA LYS A 42 7.41 6.68 6.80
C LYS A 42 6.54 7.87 6.42
N ASP A 43 7.01 9.08 6.68
CA ASP A 43 6.28 10.29 6.30
C ASP A 43 6.06 10.29 4.82
N TYR A 44 4.79 10.23 4.43
CA TYR A 44 4.35 10.21 3.02
C TYR A 44 4.67 8.88 2.35
N TYR A 45 4.90 7.84 3.12
CA TYR A 45 5.21 6.53 2.58
C TYR A 45 4.40 5.45 3.26
N CYS A 46 3.95 4.51 2.48
CA CYS A 46 3.19 3.39 2.98
C CYS A 46 3.87 2.11 2.56
N ASN A 47 3.89 1.13 3.42
CA ASN A 47 4.47 -0.16 3.12
C ASN A 47 3.37 -1.04 2.65
N CYS A 48 3.41 -1.39 1.41
CA CYS A 48 2.41 -2.23 0.84
C CYS A 48 2.87 -3.65 0.89
N HIS A 49 1.98 -4.52 1.26
CA HIS A 49 2.27 -5.91 1.35
C HIS A 49 1.55 -6.54 0.22
N ILE A 50 2.26 -6.65 -0.85
CA ILE A 50 1.69 -7.04 -2.10
C ILE A 50 1.74 -8.54 -2.25
N ILE A 51 0.59 -9.11 -2.49
CA ILE A 51 0.47 -10.52 -2.70
C ILE A 51 0.87 -10.79 -4.14
N ILE A 52 2.06 -11.29 -4.33
CA ILE A 52 2.56 -11.61 -5.66
C ILE A 52 2.10 -13.01 -6.04
N HIS A 53 1.94 -13.82 -5.04
CA HIS A 53 1.47 -15.15 -5.19
C HIS A 53 0.36 -15.33 -4.19
N GLU A 1 2.15 -15.34 -0.58
CA GLU A 1 3.34 -14.73 0.04
C GLU A 1 3.39 -13.24 -0.25
N GLU A 2 4.10 -12.51 0.58
CA GLU A 2 4.09 -11.05 0.56
C GLU A 2 5.42 -10.44 0.10
N THR A 3 5.30 -9.30 -0.50
CA THR A 3 6.41 -8.43 -0.82
C THR A 3 6.08 -7.07 -0.23
N GLU A 4 6.94 -6.56 0.59
CA GLU A 4 6.73 -5.27 1.19
C GLU A 4 7.35 -4.21 0.32
N GLU A 5 6.59 -3.21 0.03
CA GLU A 5 7.01 -2.18 -0.88
C GLU A 5 6.60 -0.81 -0.34
N PRO A 6 7.56 0.08 -0.03
CA PRO A 6 7.26 1.44 0.37
C PRO A 6 6.91 2.30 -0.85
N ILE A 7 5.66 2.68 -0.95
CA ILE A 7 5.20 3.49 -2.06
C ILE A 7 4.99 4.92 -1.61
N ARG A 8 4.85 5.81 -2.56
CA ARG A 8 4.58 7.20 -2.28
C ARG A 8 3.11 7.40 -1.98
N HIS A 9 2.82 8.22 -1.02
CA HIS A 9 1.46 8.58 -0.68
C HIS A 9 1.44 10.08 -0.44
N ALA A 10 0.39 10.75 -0.83
CA ALA A 10 0.34 12.20 -0.74
C ALA A 10 -0.24 12.68 0.61
N LYS A 11 0.10 11.99 1.67
CA LYS A 11 -0.36 12.33 3.00
C LYS A 11 0.77 11.93 3.92
N LYS A 12 1.03 12.71 4.96
CA LYS A 12 2.19 12.47 5.81
C LYS A 12 2.06 11.12 6.54
N ASN A 13 0.94 10.89 7.15
CA ASN A 13 0.70 9.64 7.87
C ASN A 13 -0.71 9.15 7.59
N PRO A 14 -0.88 8.30 6.58
CA PRO A 14 -2.16 7.76 6.23
C PRO A 14 -2.49 6.50 7.03
N SER A 15 -3.76 6.21 7.16
CA SER A 15 -4.22 5.02 7.81
C SER A 15 -4.17 3.86 6.79
N GLU A 16 -4.41 2.63 7.26
CA GLU A 16 -4.39 1.45 6.39
C GLU A 16 -5.33 1.59 5.20
N GLY A 17 -6.46 2.24 5.43
CA GLY A 17 -7.41 2.46 4.36
C GLY A 17 -6.81 3.24 3.21
N GLU A 18 -6.21 4.39 3.54
CA GLU A 18 -5.59 5.24 2.54
C GLU A 18 -4.43 4.55 1.88
N CYS A 19 -3.59 3.92 2.70
CA CYS A 19 -2.45 3.21 2.19
C CYS A 19 -2.86 2.08 1.25
N LYS A 20 -3.80 1.23 1.68
CA LYS A 20 -4.24 0.11 0.86
C LYS A 20 -4.84 0.60 -0.44
N LYS A 21 -5.57 1.70 -0.37
CA LYS A 21 -6.17 2.33 -1.54
C LYS A 21 -5.08 2.75 -2.54
N ALA A 22 -4.04 3.41 -2.06
CA ALA A 22 -2.94 3.85 -2.90
C ALA A 22 -2.13 2.66 -3.42
N CYS A 23 -1.88 1.68 -2.54
CA CYS A 23 -1.16 0.46 -2.91
C CYS A 23 -1.89 -0.29 -4.00
N ALA A 24 -3.21 -0.33 -3.88
CA ALA A 24 -4.06 -0.97 -4.84
C ALA A 24 -3.93 -0.26 -6.16
N ASP A 25 -4.16 1.02 -6.11
CA ASP A 25 -4.11 1.93 -7.25
C ASP A 25 -2.80 1.79 -8.04
N ALA A 26 -1.69 1.65 -7.34
CA ALA A 26 -0.39 1.56 -7.98
C ALA A 26 0.05 0.13 -8.34
N PHE A 27 -0.66 -0.89 -7.87
CA PHE A 27 -0.18 -2.26 -8.13
C PHE A 27 -1.21 -3.20 -8.72
N ALA A 28 -2.46 -2.85 -8.60
CA ALA A 28 -3.51 -3.67 -9.14
C ALA A 28 -4.48 -2.80 -9.89
N ASN A 29 -4.02 -1.59 -10.24
CA ASN A 29 -4.80 -0.58 -10.97
C ASN A 29 -6.08 -0.18 -10.24
N GLY A 30 -6.15 -0.46 -8.96
CA GLY A 30 -7.32 -0.09 -8.20
C GLY A 30 -7.81 -1.18 -7.27
N ASP A 31 -7.56 -2.43 -7.61
CA ASP A 31 -8.01 -3.57 -6.77
C ASP A 31 -7.23 -3.67 -5.48
N GLN A 32 -7.93 -3.74 -4.37
CA GLN A 32 -7.32 -3.73 -3.05
C GLN A 32 -7.14 -5.16 -2.50
N SER A 33 -7.41 -6.15 -3.32
CA SER A 33 -7.33 -7.52 -2.86
C SER A 33 -5.91 -8.05 -3.00
N LYS A 34 -5.22 -7.57 -4.02
CA LYS A 34 -3.83 -7.95 -4.32
C LYS A 34 -2.89 -7.40 -3.23
N ILE A 35 -3.39 -6.46 -2.48
CA ILE A 35 -2.66 -5.87 -1.41
C ILE A 35 -3.21 -6.46 -0.13
N ALA A 36 -2.43 -7.31 0.48
CA ALA A 36 -2.85 -8.02 1.67
C ALA A 36 -3.04 -7.06 2.83
N LYS A 37 -2.11 -6.15 2.98
CA LYS A 37 -2.14 -5.21 4.06
C LYS A 37 -1.35 -4.00 3.61
N ALA A 38 -1.57 -2.86 4.21
CA ALA A 38 -0.82 -1.67 3.87
C ALA A 38 -0.83 -0.72 5.03
N GLU A 39 0.34 -0.39 5.52
CA GLU A 39 0.45 0.48 6.69
C GLU A 39 1.38 1.62 6.40
N ASN A 40 1.44 2.59 7.28
CA ASN A 40 2.35 3.71 7.09
C ASN A 40 3.78 3.27 7.32
N PHE A 41 4.60 3.48 6.33
CA PHE A 41 5.97 3.07 6.38
C PHE A 41 6.83 4.22 6.89
N LYS A 42 6.57 5.38 6.36
CA LYS A 42 7.35 6.55 6.65
C LYS A 42 6.50 7.74 6.26
N ASP A 43 6.93 8.92 6.57
CA ASP A 43 6.26 10.16 6.19
C ASP A 43 6.05 10.17 4.70
N TYR A 44 4.79 10.15 4.28
CA TYR A 44 4.39 10.16 2.86
C TYR A 44 4.68 8.85 2.15
N TYR A 45 4.88 7.80 2.91
CA TYR A 45 5.14 6.48 2.33
C TYR A 45 4.35 5.40 3.04
N CYS A 46 3.81 4.52 2.27
CA CYS A 46 3.06 3.41 2.79
C CYS A 46 3.72 2.12 2.44
N ASN A 47 3.69 1.19 3.35
CA ASN A 47 4.26 -0.11 3.17
C ASN A 47 3.18 -1.01 2.66
N CYS A 48 3.28 -1.36 1.43
CA CYS A 48 2.32 -2.19 0.79
C CYS A 48 2.76 -3.62 0.89
N HIS A 49 1.84 -4.48 1.17
CA HIS A 49 2.11 -5.87 1.25
C HIS A 49 1.48 -6.49 0.06
N ILE A 50 2.26 -6.64 -0.95
CA ILE A 50 1.79 -7.10 -2.21
C ILE A 50 1.87 -8.60 -2.25
N ILE A 51 0.82 -9.22 -2.69
CA ILE A 51 0.79 -10.65 -2.80
C ILE A 51 1.58 -11.08 -4.04
N ILE A 52 2.61 -11.85 -3.82
CA ILE A 52 3.46 -12.37 -4.89
C ILE A 52 2.70 -13.43 -5.65
N HIS A 53 2.22 -14.35 -4.90
CA HIS A 53 1.55 -15.51 -5.34
C HIS A 53 0.78 -15.95 -4.14
N GLU A 1 3.13 -15.27 0.85
CA GLU A 1 4.23 -14.32 0.95
C GLU A 1 3.83 -13.01 0.30
N GLU A 2 4.33 -11.93 0.85
CA GLU A 2 3.96 -10.58 0.43
C GLU A 2 5.20 -9.78 0.01
N THR A 3 5.06 -8.98 -1.00
CA THR A 3 6.07 -8.06 -1.41
C THR A 3 5.80 -6.76 -0.66
N GLU A 4 6.69 -6.38 0.21
CA GLU A 4 6.52 -5.16 0.98
C GLU A 4 7.09 -3.97 0.24
N GLU A 5 6.24 -3.31 -0.50
CA GLU A 5 6.62 -2.19 -1.33
C GLU A 5 6.32 -0.87 -0.65
N PRO A 6 7.34 -0.07 -0.35
CA PRO A 6 7.14 1.26 0.16
C PRO A 6 6.79 2.22 -0.97
N ILE A 7 5.58 2.65 -1.00
CA ILE A 7 5.09 3.53 -2.04
C ILE A 7 4.96 4.93 -1.48
N ARG A 8 4.79 5.89 -2.35
CA ARG A 8 4.58 7.26 -1.91
C ARG A 8 3.10 7.49 -1.71
N HIS A 9 2.78 8.33 -0.78
CA HIS A 9 1.42 8.71 -0.50
C HIS A 9 1.38 10.19 -0.16
N ALA A 10 0.25 10.84 -0.38
CA ALA A 10 0.12 12.29 -0.18
C ALA A 10 -0.09 12.68 1.28
N LYS A 11 -0.01 11.74 2.18
CA LYS A 11 -0.20 12.02 3.57
C LYS A 11 0.97 11.51 4.36
N LYS A 12 1.42 12.34 5.27
CA LYS A 12 2.54 12.06 6.16
C LYS A 12 2.32 10.75 6.88
N ASN A 13 1.19 10.64 7.52
CA ASN A 13 0.83 9.47 8.29
C ASN A 13 -0.57 9.05 7.94
N PRO A 14 -0.72 8.20 6.93
CA PRO A 14 -2.00 7.70 6.49
C PRO A 14 -2.36 6.40 7.19
N SER A 15 -3.57 5.98 7.02
CA SER A 15 -4.00 4.75 7.56
C SER A 15 -4.22 3.76 6.40
N GLU A 16 -4.64 2.54 6.72
CA GLU A 16 -4.76 1.49 5.73
C GLU A 16 -5.75 1.76 4.64
N GLY A 17 -6.76 2.55 4.89
CA GLY A 17 -7.71 2.85 3.84
C GLY A 17 -7.04 3.58 2.72
N GLU A 18 -6.40 4.68 3.08
CA GLU A 18 -5.68 5.50 2.14
C GLU A 18 -4.52 4.73 1.53
N CYS A 19 -3.74 4.07 2.40
CA CYS A 19 -2.61 3.31 1.93
C CYS A 19 -3.03 2.19 1.00
N LYS A 20 -3.99 1.33 1.40
CA LYS A 20 -4.41 0.22 0.53
C LYS A 20 -4.94 0.75 -0.79
N LYS A 21 -5.70 1.84 -0.74
CA LYS A 21 -6.24 2.46 -1.94
C LYS A 21 -5.11 2.85 -2.89
N ALA A 22 -4.12 3.54 -2.36
CA ALA A 22 -2.97 3.98 -3.14
C ALA A 22 -2.18 2.77 -3.63
N CYS A 23 -1.93 1.82 -2.74
CA CYS A 23 -1.23 0.57 -3.08
C CYS A 23 -1.92 -0.13 -4.22
N ALA A 24 -3.22 -0.20 -4.14
CA ALA A 24 -4.02 -0.84 -5.14
C ALA A 24 -3.95 -0.10 -6.44
N ASP A 25 -4.32 1.16 -6.40
CA ASP A 25 -4.42 2.00 -7.60
C ASP A 25 -3.10 2.08 -8.36
N ALA A 26 -2.00 2.10 -7.64
CA ALA A 26 -0.69 2.18 -8.27
C ALA A 26 -0.23 0.84 -8.85
N PHE A 27 -0.72 -0.27 -8.31
CA PHE A 27 -0.21 -1.58 -8.71
C PHE A 27 -1.21 -2.41 -9.49
N ALA A 28 -2.43 -2.47 -9.03
CA ALA A 28 -3.47 -3.25 -9.65
C ALA A 28 -4.57 -2.33 -10.17
N ASN A 29 -4.23 -1.05 -10.23
CA ASN A 29 -5.08 0.03 -10.76
C ASN A 29 -6.40 0.20 -10.04
N GLY A 30 -6.48 -0.32 -8.84
CA GLY A 30 -7.69 -0.20 -8.06
C GLY A 30 -8.02 -1.43 -7.29
N ASP A 31 -7.58 -2.57 -7.78
CA ASP A 31 -7.85 -3.82 -7.09
C ASP A 31 -7.04 -3.94 -5.80
N GLN A 32 -7.74 -4.07 -4.69
CA GLN A 32 -7.12 -4.18 -3.40
C GLN A 32 -6.96 -5.64 -2.98
N SER A 33 -7.33 -6.57 -3.86
CA SER A 33 -7.28 -7.99 -3.52
C SER A 33 -5.83 -8.48 -3.44
N LYS A 34 -4.98 -7.89 -4.26
CA LYS A 34 -3.57 -8.22 -4.26
C LYS A 34 -2.86 -7.60 -3.06
N ILE A 35 -3.53 -6.66 -2.43
CA ILE A 35 -2.98 -5.98 -1.28
C ILE A 35 -3.51 -6.67 -0.03
N ALA A 36 -2.63 -7.31 0.69
CA ALA A 36 -3.00 -8.05 1.88
C ALA A 36 -3.15 -7.12 3.07
N LYS A 37 -2.23 -6.18 3.18
CA LYS A 37 -2.25 -5.24 4.28
C LYS A 37 -1.42 -4.03 3.87
N ALA A 38 -1.50 -2.99 4.64
CA ALA A 38 -0.70 -1.82 4.43
C ALA A 38 -0.24 -1.28 5.77
N GLU A 39 0.86 -0.62 5.78
CA GLU A 39 1.42 -0.04 7.00
C GLU A 39 2.06 1.28 6.67
N ASN A 40 2.21 2.13 7.64
CA ASN A 40 2.89 3.40 7.44
C ASN A 40 4.39 3.13 7.43
N PHE A 41 5.01 3.32 6.30
CA PHE A 41 6.40 3.02 6.17
C PHE A 41 7.24 4.18 6.68
N LYS A 42 6.91 5.35 6.23
CA LYS A 42 7.66 6.53 6.51
C LYS A 42 6.74 7.69 6.23
N ASP A 43 7.17 8.91 6.51
CA ASP A 43 6.35 10.08 6.25
C ASP A 43 6.09 10.16 4.77
N TYR A 44 4.82 10.10 4.40
CA TYR A 44 4.37 10.17 2.99
C TYR A 44 4.72 8.88 2.25
N TYR A 45 4.86 7.79 3.00
CA TYR A 45 5.13 6.49 2.42
C TYR A 45 4.31 5.40 3.09
N CYS A 46 3.78 4.53 2.29
CA CYS A 46 3.00 3.41 2.76
C CYS A 46 3.67 2.13 2.35
N ASN A 47 3.70 1.18 3.22
CA ASN A 47 4.25 -0.11 2.94
C ASN A 47 3.14 -1.03 2.53
N CYS A 48 3.13 -1.36 1.29
CA CYS A 48 2.09 -2.18 0.73
C CYS A 48 2.50 -3.61 0.76
N HIS A 49 1.58 -4.48 1.08
CA HIS A 49 1.85 -5.88 1.11
C HIS A 49 1.16 -6.48 -0.05
N ILE A 50 1.89 -6.63 -1.10
CA ILE A 50 1.34 -7.14 -2.30
C ILE A 50 1.63 -8.62 -2.34
N ILE A 51 0.60 -9.40 -2.31
CA ILE A 51 0.72 -10.85 -2.29
C ILE A 51 1.53 -11.35 -3.48
N ILE A 52 2.53 -12.14 -3.22
CA ILE A 52 3.34 -12.73 -4.26
C ILE A 52 2.67 -14.03 -4.64
N HIS A 53 2.59 -14.87 -3.65
CA HIS A 53 2.04 -16.16 -3.73
C HIS A 53 1.83 -16.58 -2.29
N GLU A 1 3.67 -15.27 -0.12
CA GLU A 1 4.66 -14.34 -0.67
C GLU A 1 4.10 -12.96 -0.75
N GLU A 2 4.88 -12.03 -0.26
CA GLU A 2 4.51 -10.63 -0.16
C GLU A 2 5.67 -9.77 -0.57
N THR A 3 5.42 -8.90 -1.47
CA THR A 3 6.37 -7.91 -1.83
C THR A 3 6.05 -6.70 -0.97
N GLU A 4 6.86 -6.44 0.01
CA GLU A 4 6.63 -5.31 0.87
C GLU A 4 7.32 -4.10 0.32
N GLU A 5 6.55 -3.29 -0.34
CA GLU A 5 7.06 -2.15 -1.02
C GLU A 5 6.54 -0.86 -0.40
N PRO A 6 7.44 -0.02 0.14
CA PRO A 6 7.08 1.32 0.57
C PRO A 6 6.76 2.21 -0.64
N ILE A 7 5.53 2.58 -0.76
CA ILE A 7 5.06 3.42 -1.85
C ILE A 7 4.96 4.85 -1.37
N ARG A 8 4.85 5.77 -2.30
CA ARG A 8 4.73 7.17 -2.01
C ARG A 8 3.26 7.53 -1.92
N HIS A 9 2.85 8.04 -0.79
CA HIS A 9 1.46 8.42 -0.58
C HIS A 9 1.41 9.93 -0.34
N ALA A 10 0.40 10.59 -0.85
CA ALA A 10 0.27 12.02 -0.70
C ALA A 10 -0.49 12.38 0.58
N LYS A 11 0.15 12.07 1.69
CA LYS A 11 -0.35 12.34 3.02
C LYS A 11 0.79 11.98 3.94
N LYS A 12 1.10 12.86 4.86
CA LYS A 12 2.22 12.63 5.79
C LYS A 12 1.98 11.37 6.59
N ASN A 13 0.83 11.27 7.20
CA ASN A 13 0.48 10.11 7.97
C ASN A 13 -0.88 9.60 7.52
N PRO A 14 -0.90 8.70 6.55
CA PRO A 14 -2.10 8.11 6.04
C PRO A 14 -2.56 6.93 6.88
N SER A 15 -3.81 6.64 6.81
CA SER A 15 -4.40 5.54 7.46
C SER A 15 -4.22 4.31 6.59
N GLU A 16 -4.50 3.11 7.11
CA GLU A 16 -4.29 1.92 6.32
C GLU A 16 -5.22 1.90 5.11
N GLY A 17 -6.44 2.42 5.27
CA GLY A 17 -7.38 2.47 4.15
C GLY A 17 -6.85 3.33 3.01
N GLU A 18 -6.26 4.46 3.38
CA GLU A 18 -5.66 5.37 2.42
C GLU A 18 -4.50 4.67 1.73
N CYS A 19 -3.66 4.03 2.53
CA CYS A 19 -2.55 3.25 2.03
C CYS A 19 -3.03 2.15 1.09
N LYS A 20 -4.08 1.40 1.50
CA LYS A 20 -4.63 0.32 0.66
C LYS A 20 -5.04 0.85 -0.69
N LYS A 21 -5.72 2.00 -0.69
CA LYS A 21 -6.17 2.63 -1.92
C LYS A 21 -4.98 2.93 -2.83
N ALA A 22 -3.94 3.51 -2.27
CA ALA A 22 -2.75 3.84 -3.03
C ALA A 22 -1.98 2.58 -3.46
N CYS A 23 -1.83 1.63 -2.54
CA CYS A 23 -1.15 0.34 -2.81
C CYS A 23 -1.85 -0.38 -3.95
N ALA A 24 -3.16 -0.34 -3.92
CA ALA A 24 -3.95 -0.96 -4.94
C ALA A 24 -3.75 -0.25 -6.25
N ASP A 25 -3.96 1.05 -6.23
CA ASP A 25 -3.89 1.90 -7.43
C ASP A 25 -2.60 1.69 -8.21
N ALA A 26 -1.49 1.75 -7.52
CA ALA A 26 -0.19 1.64 -8.14
C ALA A 26 0.15 0.21 -8.57
N PHE A 27 -0.49 -0.78 -8.01
CA PHE A 27 -0.06 -2.14 -8.28
C PHE A 27 -1.09 -2.99 -8.99
N ALA A 28 -2.32 -2.85 -8.61
CA ALA A 28 -3.38 -3.62 -9.20
C ALA A 28 -4.42 -2.70 -9.82
N ASN A 29 -4.04 -1.43 -9.97
CA ASN A 29 -4.87 -0.38 -10.61
C ASN A 29 -6.22 -0.19 -9.93
N GLY A 30 -6.28 -0.51 -8.67
CA GLY A 30 -7.51 -0.29 -7.93
C GLY A 30 -7.93 -1.50 -7.14
N ASP A 31 -7.55 -2.68 -7.58
CA ASP A 31 -7.93 -3.90 -6.86
C ASP A 31 -7.17 -4.00 -5.55
N GLN A 32 -7.89 -3.95 -4.46
CA GLN A 32 -7.29 -3.96 -3.14
C GLN A 32 -7.14 -5.37 -2.59
N SER A 33 -7.49 -6.36 -3.37
CA SER A 33 -7.40 -7.73 -2.90
C SER A 33 -6.02 -8.30 -3.25
N LYS A 34 -5.36 -7.65 -4.19
CA LYS A 34 -4.01 -8.01 -4.59
C LYS A 34 -3.02 -7.53 -3.50
N ILE A 35 -3.53 -6.70 -2.61
CA ILE A 35 -2.78 -6.17 -1.51
C ILE A 35 -3.32 -6.82 -0.23
N ALA A 36 -2.45 -7.43 0.53
CA ALA A 36 -2.85 -8.12 1.76
C ALA A 36 -3.16 -7.11 2.85
N LYS A 37 -2.18 -6.30 3.15
CA LYS A 37 -2.27 -5.32 4.19
C LYS A 37 -1.35 -4.18 3.81
N ALA A 38 -1.48 -3.09 4.48
CA ALA A 38 -0.59 -1.98 4.32
C ALA A 38 -0.34 -1.39 5.69
N GLU A 39 0.66 -0.58 5.81
CA GLU A 39 0.92 0.13 7.06
C GLU A 39 1.77 1.33 6.73
N ASN A 40 1.68 2.37 7.53
CA ASN A 40 2.51 3.54 7.32
C ASN A 40 3.97 3.20 7.55
N PHE A 41 4.75 3.37 6.51
CA PHE A 41 6.15 3.03 6.53
C PHE A 41 6.95 4.19 7.08
N LYS A 42 6.68 5.35 6.58
CA LYS A 42 7.41 6.54 6.91
C LYS A 42 6.49 7.67 6.52
N ASP A 43 6.85 8.89 6.80
CA ASP A 43 6.04 10.04 6.42
C ASP A 43 5.90 10.05 4.91
N TYR A 44 4.67 10.07 4.43
CA TYR A 44 4.35 10.06 2.98
C TYR A 44 4.69 8.71 2.33
N TYR A 45 4.84 7.67 3.13
CA TYR A 45 5.15 6.34 2.61
C TYR A 45 4.30 5.26 3.27
N CYS A 46 3.84 4.34 2.48
CA CYS A 46 3.06 3.22 2.97
C CYS A 46 3.72 1.93 2.57
N ASN A 47 3.87 1.03 3.51
CA ASN A 47 4.43 -0.28 3.25
C ASN A 47 3.30 -1.16 2.80
N CYS A 48 3.32 -1.49 1.53
CA CYS A 48 2.30 -2.30 0.94
C CYS A 48 2.72 -3.74 0.90
N HIS A 49 1.80 -4.61 1.23
CA HIS A 49 2.06 -6.03 1.20
C HIS A 49 1.40 -6.54 -0.03
N ILE A 50 2.14 -6.60 -1.07
CA ILE A 50 1.62 -6.99 -2.33
C ILE A 50 1.67 -8.50 -2.42
N ILE A 51 0.53 -9.11 -2.62
CA ILE A 51 0.45 -10.54 -2.64
C ILE A 51 0.92 -11.06 -3.96
N ILE A 52 1.95 -11.87 -3.93
CA ILE A 52 2.36 -12.55 -5.14
C ILE A 52 1.57 -13.84 -5.20
N HIS A 53 1.64 -14.56 -4.11
CA HIS A 53 0.95 -15.79 -3.93
C HIS A 53 0.89 -16.04 -2.45
N GLU A 1 3.85 -14.48 3.10
CA GLU A 1 4.87 -13.72 2.39
C GLU A 1 4.26 -12.82 1.37
N GLU A 2 4.42 -11.57 1.59
CA GLU A 2 3.94 -10.57 0.70
C GLU A 2 5.11 -9.74 0.24
N THR A 3 5.00 -9.22 -0.94
CA THR A 3 6.00 -8.37 -1.49
C THR A 3 5.80 -6.99 -0.90
N GLU A 4 6.73 -6.56 -0.10
CA GLU A 4 6.64 -5.29 0.54
C GLU A 4 7.31 -4.22 -0.30
N GLU A 5 6.64 -3.13 -0.51
CA GLU A 5 7.16 -2.07 -1.31
C GLU A 5 6.66 -0.74 -0.77
N PRO A 6 7.56 0.17 -0.36
CA PRO A 6 7.18 1.51 0.07
C PRO A 6 6.77 2.37 -1.12
N ILE A 7 5.64 2.99 -1.01
CA ILE A 7 5.13 3.87 -2.04
C ILE A 7 5.09 5.28 -1.51
N ARG A 8 4.95 6.22 -2.40
CA ARG A 8 4.82 7.61 -2.07
C ARG A 8 3.36 7.89 -1.80
N HIS A 9 3.05 8.64 -0.79
CA HIS A 9 1.67 8.91 -0.47
C HIS A 9 1.51 10.38 -0.13
N ALA A 10 0.35 10.94 -0.40
CA ALA A 10 0.08 12.35 -0.15
C ALA A 10 -0.50 12.56 1.24
N LYS A 11 -0.23 11.62 2.12
CA LYS A 11 -0.72 11.65 3.46
C LYS A 11 0.49 11.34 4.31
N LYS A 12 0.74 12.16 5.32
CA LYS A 12 1.92 12.00 6.14
C LYS A 12 1.88 10.68 6.88
N ASN A 13 0.77 10.42 7.49
CA ASN A 13 0.57 9.22 8.24
C ASN A 13 -0.70 8.56 7.76
N PRO A 14 -0.63 7.72 6.72
CA PRO A 14 -1.78 7.08 6.17
C PRO A 14 -2.14 5.76 6.86
N SER A 15 -3.41 5.56 7.07
CA SER A 15 -3.95 4.36 7.60
C SER A 15 -4.20 3.37 6.44
N GLU A 16 -4.71 2.17 6.74
CA GLU A 16 -4.92 1.18 5.70
C GLU A 16 -5.78 1.65 4.56
N GLY A 17 -6.94 2.23 4.82
CA GLY A 17 -7.85 2.64 3.72
C GLY A 17 -7.14 3.48 2.65
N GLU A 18 -6.45 4.51 3.13
CA GLU A 18 -5.64 5.40 2.30
C GLU A 18 -4.63 4.59 1.48
N CYS A 19 -3.85 3.80 2.20
CA CYS A 19 -2.80 3.01 1.60
C CYS A 19 -3.32 1.91 0.70
N LYS A 20 -4.35 1.18 1.12
CA LYS A 20 -4.89 0.09 0.32
C LYS A 20 -5.36 0.64 -1.01
N LYS A 21 -5.96 1.84 -0.98
CA LYS A 21 -6.34 2.54 -2.19
C LYS A 21 -5.12 2.80 -3.08
N ALA A 22 -4.09 3.43 -2.51
CA ALA A 22 -2.88 3.78 -3.25
C ALA A 22 -2.10 2.54 -3.73
N CYS A 23 -1.89 1.61 -2.82
CA CYS A 23 -1.16 0.38 -3.10
C CYS A 23 -1.86 -0.39 -4.21
N ALA A 24 -3.18 -0.38 -4.18
CA ALA A 24 -3.94 -1.02 -5.22
C ALA A 24 -3.75 -0.28 -6.52
N ASP A 25 -4.07 1.01 -6.50
CA ASP A 25 -4.01 1.88 -7.68
C ASP A 25 -2.65 1.87 -8.39
N ALA A 26 -1.58 1.86 -7.63
CA ALA A 26 -0.24 1.90 -8.19
C ALA A 26 0.34 0.52 -8.49
N PHE A 27 -0.36 -0.55 -8.13
CA PHE A 27 0.21 -1.88 -8.34
C PHE A 27 -0.73 -2.87 -9.00
N ALA A 28 -1.96 -2.85 -8.57
CA ALA A 28 -2.95 -3.81 -9.02
C ALA A 28 -4.10 -3.12 -9.73
N ASN A 29 -3.87 -1.88 -10.18
CA ASN A 29 -4.87 -1.08 -10.93
C ASN A 29 -6.14 -0.80 -10.15
N GLY A 30 -6.06 -0.85 -8.84
CA GLY A 30 -7.21 -0.52 -8.03
C GLY A 30 -7.75 -1.70 -7.25
N ASP A 31 -7.28 -2.90 -7.55
CA ASP A 31 -7.71 -4.11 -6.84
C ASP A 31 -7.07 -4.12 -5.45
N GLN A 32 -7.88 -3.96 -4.43
CA GLN A 32 -7.38 -3.88 -3.07
C GLN A 32 -7.21 -5.26 -2.44
N SER A 33 -7.62 -6.29 -3.13
CA SER A 33 -7.55 -7.63 -2.61
C SER A 33 -6.14 -8.17 -2.80
N LYS A 34 -5.43 -7.61 -3.76
CA LYS A 34 -4.04 -8.00 -4.02
C LYS A 34 -3.13 -7.44 -2.94
N ILE A 35 -3.64 -6.48 -2.20
CA ILE A 35 -2.91 -5.87 -1.14
C ILE A 35 -3.44 -6.43 0.17
N ALA A 36 -2.63 -7.21 0.84
CA ALA A 36 -3.07 -7.88 2.05
C ALA A 36 -3.00 -6.95 3.24
N LYS A 37 -2.03 -6.09 3.23
CA LYS A 37 -1.80 -5.19 4.31
C LYS A 37 -1.07 -3.98 3.78
N ALA A 38 -1.26 -2.87 4.41
CA ALA A 38 -0.53 -1.69 4.10
C ALA A 38 -0.29 -0.95 5.39
N GLU A 39 0.87 -0.40 5.56
CA GLU A 39 1.22 0.23 6.82
C GLU A 39 2.16 1.38 6.57
N ASN A 40 2.20 2.32 7.50
CA ASN A 40 3.05 3.48 7.38
C ASN A 40 4.51 3.06 7.39
N PHE A 41 5.23 3.50 6.41
CA PHE A 41 6.62 3.18 6.27
C PHE A 41 7.43 4.33 6.80
N LYS A 42 7.05 5.50 6.37
CA LYS A 42 7.70 6.73 6.71
C LYS A 42 6.68 7.80 6.45
N ASP A 43 6.96 9.01 6.87
CA ASP A 43 6.06 10.11 6.66
C ASP A 43 5.91 10.35 5.17
N TYR A 44 4.67 10.20 4.70
CA TYR A 44 4.31 10.32 3.28
C TYR A 44 4.75 9.11 2.47
N TYR A 45 5.00 8.01 3.15
CA TYR A 45 5.37 6.76 2.51
C TYR A 45 4.65 5.61 3.17
N CYS A 46 4.15 4.74 2.37
CA CYS A 46 3.42 3.62 2.92
C CYS A 46 3.98 2.33 2.37
N ASN A 47 4.05 1.33 3.21
CA ASN A 47 4.60 0.04 2.83
C ASN A 47 3.45 -0.86 2.43
N CYS A 48 3.44 -1.24 1.20
CA CYS A 48 2.40 -2.07 0.65
C CYS A 48 2.83 -3.51 0.71
N HIS A 49 1.91 -4.36 1.12
CA HIS A 49 2.16 -5.78 1.22
C HIS A 49 1.37 -6.43 0.12
N ILE A 50 2.02 -6.62 -0.99
CA ILE A 50 1.38 -7.12 -2.17
C ILE A 50 1.46 -8.64 -2.19
N ILE A 51 0.33 -9.28 -2.37
CA ILE A 51 0.29 -10.72 -2.45
C ILE A 51 0.93 -11.16 -3.78
N ILE A 52 1.83 -12.12 -3.70
CA ILE A 52 2.59 -12.57 -4.85
C ILE A 52 1.69 -13.30 -5.83
N HIS A 53 0.99 -14.29 -5.34
CA HIS A 53 0.05 -15.01 -6.15
C HIS A 53 -1.36 -14.75 -5.63
N GLU A 1 1.86 -15.24 -0.06
CA GLU A 1 3.12 -14.58 0.22
C GLU A 1 3.13 -13.20 -0.32
N GLU A 2 3.50 -12.30 0.52
CA GLU A 2 3.38 -10.90 0.29
C GLU A 2 4.73 -10.26 0.33
N THR A 3 4.95 -9.30 -0.51
CA THR A 3 6.17 -8.56 -0.51
C THR A 3 5.90 -7.12 -0.13
N GLU A 4 6.67 -6.65 0.83
CA GLU A 4 6.62 -5.30 1.32
C GLU A 4 7.25 -4.36 0.30
N GLU A 5 6.46 -3.48 -0.22
CA GLU A 5 6.88 -2.51 -1.20
C GLU A 5 6.49 -1.12 -0.69
N PRO A 6 7.47 -0.29 -0.32
CA PRO A 6 7.21 1.06 0.17
C PRO A 6 6.90 2.02 -0.97
N ILE A 7 5.71 2.53 -0.97
CA ILE A 7 5.27 3.42 -2.02
C ILE A 7 5.22 4.85 -1.51
N ARG A 8 5.19 5.76 -2.44
CA ARG A 8 5.08 7.17 -2.14
C ARG A 8 3.61 7.48 -1.93
N HIS A 9 3.29 8.28 -0.97
CA HIS A 9 1.92 8.65 -0.73
C HIS A 9 1.83 10.17 -0.73
N ALA A 10 0.75 10.71 -1.26
CA ALA A 10 0.61 12.16 -1.39
C ALA A 10 -0.02 12.80 -0.15
N LYS A 11 -0.16 12.05 0.90
CA LYS A 11 -0.77 12.54 2.11
C LYS A 11 0.14 12.15 3.25
N LYS A 12 0.40 13.10 4.11
CA LYS A 12 1.41 13.04 5.17
C LYS A 12 1.34 11.78 6.03
N ASN A 13 0.22 11.52 6.63
CA ASN A 13 0.14 10.39 7.54
C ASN A 13 -1.04 9.53 7.21
N PRO A 14 -0.83 8.56 6.35
CA PRO A 14 -1.84 7.63 5.96
C PRO A 14 -1.90 6.40 6.84
N SER A 15 -3.10 6.01 7.17
CA SER A 15 -3.33 4.80 7.90
C SER A 15 -3.61 3.68 6.88
N GLU A 16 -3.87 2.46 7.35
CA GLU A 16 -4.08 1.31 6.47
C GLU A 16 -5.14 1.54 5.37
N GLY A 17 -6.21 2.27 5.66
CA GLY A 17 -7.22 2.50 4.65
C GLY A 17 -6.67 3.30 3.49
N GLU A 18 -6.07 4.44 3.82
CA GLU A 18 -5.43 5.32 2.84
C GLU A 18 -4.37 4.54 2.07
N CYS A 19 -3.53 3.84 2.82
CA CYS A 19 -2.46 3.05 2.25
C CYS A 19 -2.98 1.96 1.33
N LYS A 20 -3.94 1.13 1.77
CA LYS A 20 -4.45 0.04 0.92
C LYS A 20 -5.04 0.58 -0.37
N LYS A 21 -5.74 1.71 -0.28
CA LYS A 21 -6.32 2.32 -1.48
C LYS A 21 -5.18 2.73 -2.43
N ALA A 22 -4.17 3.39 -1.88
CA ALA A 22 -3.04 3.85 -2.66
C ALA A 22 -2.24 2.69 -3.23
N CYS A 23 -1.98 1.69 -2.40
CA CYS A 23 -1.27 0.47 -2.79
C CYS A 23 -1.96 -0.22 -3.94
N ALA A 24 -3.28 -0.28 -3.86
CA ALA A 24 -4.08 -0.87 -4.89
C ALA A 24 -3.91 -0.10 -6.17
N ASP A 25 -4.25 1.17 -6.10
CA ASP A 25 -4.21 2.11 -7.22
C ASP A 25 -2.83 2.13 -7.91
N ALA A 26 -1.78 2.03 -7.11
CA ALA A 26 -0.43 2.06 -7.60
C ALA A 26 0.02 0.75 -8.22
N PHE A 27 -0.55 -0.38 -7.80
CA PHE A 27 -0.03 -1.67 -8.29
C PHE A 27 -1.02 -2.52 -9.01
N ALA A 28 -2.21 -2.60 -8.51
CA ALA A 28 -3.22 -3.43 -9.10
C ALA A 28 -4.23 -2.55 -9.81
N ASN A 29 -3.84 -1.28 -10.02
CA ASN A 29 -4.61 -0.26 -10.75
C ASN A 29 -5.93 0.10 -10.09
N GLY A 30 -6.16 -0.41 -8.90
CA GLY A 30 -7.38 -0.14 -8.21
C GLY A 30 -7.86 -1.32 -7.42
N ASP A 31 -7.47 -2.53 -7.81
CA ASP A 31 -7.88 -3.72 -7.07
C ASP A 31 -7.17 -3.80 -5.73
N GLN A 32 -7.92 -3.74 -4.67
CA GLN A 32 -7.36 -3.74 -3.33
C GLN A 32 -7.19 -5.15 -2.82
N SER A 33 -7.72 -6.11 -3.55
CA SER A 33 -7.69 -7.49 -3.13
C SER A 33 -6.27 -8.05 -3.27
N LYS A 34 -5.52 -7.52 -4.23
CA LYS A 34 -4.16 -7.95 -4.49
C LYS A 34 -3.21 -7.42 -3.39
N ILE A 35 -3.68 -6.47 -2.64
CA ILE A 35 -2.96 -5.93 -1.53
C ILE A 35 -3.49 -6.60 -0.28
N ALA A 36 -2.63 -7.31 0.39
CA ALA A 36 -3.03 -8.05 1.54
C ALA A 36 -2.95 -7.18 2.78
N LYS A 37 -1.78 -6.69 3.06
CA LYS A 37 -1.54 -5.92 4.25
C LYS A 37 -1.02 -4.55 3.86
N ALA A 38 -1.00 -3.66 4.82
CA ALA A 38 -0.49 -2.34 4.62
C ALA A 38 0.01 -1.82 5.94
N GLU A 39 1.04 -1.05 5.90
CA GLU A 39 1.61 -0.47 7.08
C GLU A 39 2.08 0.92 6.73
N ASN A 40 2.08 1.82 7.67
CA ASN A 40 2.64 3.13 7.43
C ASN A 40 4.14 2.97 7.42
N PHE A 41 4.75 3.38 6.35
CA PHE A 41 6.17 3.20 6.22
C PHE A 41 6.90 4.37 6.84
N LYS A 42 6.39 5.54 6.59
CA LYS A 42 7.00 6.77 7.01
C LYS A 42 6.01 7.86 6.59
N ASP A 43 6.25 9.11 6.96
CA ASP A 43 5.38 10.19 6.50
C ASP A 43 5.45 10.24 5.00
N TYR A 44 4.29 10.27 4.36
CA TYR A 44 4.18 10.28 2.89
C TYR A 44 4.65 8.95 2.27
N TYR A 45 4.68 7.88 3.05
CA TYR A 45 5.07 6.58 2.52
C TYR A 45 4.25 5.45 3.13
N CYS A 46 3.83 4.53 2.30
CA CYS A 46 3.06 3.38 2.74
C CYS A 46 3.78 2.11 2.37
N ASN A 47 3.81 1.18 3.26
CA ASN A 47 4.41 -0.10 3.00
C ASN A 47 3.31 -1.04 2.59
N CYS A 48 3.31 -1.37 1.34
CA CYS A 48 2.30 -2.19 0.77
C CYS A 48 2.74 -3.63 0.79
N HIS A 49 1.85 -4.51 1.13
CA HIS A 49 2.16 -5.90 1.15
C HIS A 49 1.40 -6.52 0.03
N ILE A 50 2.06 -6.61 -1.08
CA ILE A 50 1.44 -7.05 -2.29
C ILE A 50 1.54 -8.55 -2.38
N ILE A 51 0.46 -9.19 -2.77
CA ILE A 51 0.47 -10.62 -2.93
C ILE A 51 1.26 -10.96 -4.19
N ILE A 52 2.36 -11.62 -3.99
CA ILE A 52 3.25 -11.96 -5.07
C ILE A 52 3.12 -13.43 -5.43
N HIS A 53 2.81 -14.23 -4.46
CA HIS A 53 2.70 -15.63 -4.66
C HIS A 53 1.59 -16.14 -3.78
N GLU A 1 4.77 -12.23 3.92
CA GLU A 1 5.32 -13.08 2.85
C GLU A 1 4.96 -12.51 1.50
N GLU A 2 4.87 -11.21 1.45
CA GLU A 2 4.44 -10.52 0.29
C GLU A 2 5.55 -9.60 -0.13
N THR A 3 5.44 -9.02 -1.30
CA THR A 3 6.39 -8.05 -1.72
C THR A 3 6.04 -6.73 -1.05
N GLU A 4 6.88 -6.31 -0.15
CA GLU A 4 6.67 -5.11 0.58
C GLU A 4 7.18 -3.92 -0.20
N GLU A 5 6.26 -3.21 -0.76
CA GLU A 5 6.55 -2.06 -1.58
C GLU A 5 6.23 -0.76 -0.85
N PRO A 6 7.24 -0.03 -0.37
CA PRO A 6 7.02 1.26 0.22
C PRO A 6 6.76 2.29 -0.88
N ILE A 7 5.54 2.74 -0.93
CA ILE A 7 5.12 3.67 -1.96
C ILE A 7 5.08 5.08 -1.40
N ARG A 8 5.14 6.04 -2.29
CA ARG A 8 5.09 7.43 -1.92
C ARG A 8 3.63 7.87 -1.88
N HIS A 9 3.17 8.27 -0.74
CA HIS A 9 1.80 8.67 -0.57
C HIS A 9 1.76 10.15 -0.21
N ALA A 10 0.78 10.87 -0.71
CA ALA A 10 0.64 12.28 -0.43
C ALA A 10 -0.24 12.48 0.80
N LYS A 11 0.37 12.24 1.94
CA LYS A 11 -0.24 12.36 3.25
C LYS A 11 0.90 12.07 4.21
N LYS A 12 1.13 12.92 5.19
CA LYS A 12 2.24 12.71 6.12
C LYS A 12 2.02 11.43 6.89
N ASN A 13 0.83 11.30 7.42
CA ASN A 13 0.45 10.11 8.14
C ASN A 13 -0.75 9.49 7.47
N PRO A 14 -0.54 8.62 6.49
CA PRO A 14 -1.62 7.91 5.85
C PRO A 14 -2.14 6.79 6.73
N SER A 15 -3.43 6.66 6.73
CA SER A 15 -4.10 5.62 7.44
C SER A 15 -4.03 4.33 6.60
N GLU A 16 -4.29 3.20 7.24
CA GLU A 16 -4.26 1.89 6.59
C GLU A 16 -5.09 1.85 5.29
N GLY A 17 -6.31 2.38 5.34
CA GLY A 17 -7.19 2.37 4.20
C GLY A 17 -6.67 3.24 3.08
N GLU A 18 -6.11 4.38 3.45
CA GLU A 18 -5.55 5.31 2.48
C GLU A 18 -4.41 4.61 1.74
N CYS A 19 -3.53 3.99 2.51
CA CYS A 19 -2.43 3.22 1.97
C CYS A 19 -2.93 2.08 1.08
N LYS A 20 -3.79 1.23 1.65
CA LYS A 20 -4.35 0.03 0.99
C LYS A 20 -4.94 0.38 -0.38
N LYS A 21 -5.71 1.44 -0.40
CA LYS A 21 -6.41 1.88 -1.57
C LYS A 21 -5.43 2.46 -2.61
N ALA A 22 -4.43 3.21 -2.13
CA ALA A 22 -3.40 3.77 -3.02
C ALA A 22 -2.54 2.66 -3.59
N CYS A 23 -2.18 1.71 -2.73
CA CYS A 23 -1.41 0.53 -3.11
C CYS A 23 -2.14 -0.20 -4.22
N ALA A 24 -3.45 -0.28 -4.07
CA ALA A 24 -4.29 -0.90 -5.05
C ALA A 24 -4.17 -0.18 -6.39
N ASP A 25 -4.52 1.11 -6.42
CA ASP A 25 -4.48 1.92 -7.66
C ASP A 25 -3.14 1.89 -8.34
N ALA A 26 -2.09 2.00 -7.56
CA ALA A 26 -0.75 2.06 -8.10
C ALA A 26 -0.22 0.70 -8.53
N PHE A 27 -0.84 -0.39 -8.10
CA PHE A 27 -0.29 -1.70 -8.41
C PHE A 27 -1.24 -2.60 -9.17
N ALA A 28 -2.44 -2.74 -8.67
CA ALA A 28 -3.42 -3.63 -9.25
C ALA A 28 -4.52 -2.85 -9.94
N ASN A 29 -4.22 -1.59 -10.26
CA ASN A 29 -5.13 -0.68 -11.01
C ASN A 29 -6.37 -0.29 -10.23
N GLY A 30 -6.41 -0.64 -8.99
CA GLY A 30 -7.56 -0.32 -8.21
C GLY A 30 -8.01 -1.49 -7.40
N ASP A 31 -7.66 -2.69 -7.83
CA ASP A 31 -7.99 -3.87 -7.06
C ASP A 31 -7.22 -3.89 -5.76
N GLN A 32 -7.94 -3.85 -4.67
CA GLN A 32 -7.35 -3.80 -3.36
C GLN A 32 -7.08 -5.20 -2.83
N SER A 33 -7.44 -6.20 -3.61
CA SER A 33 -7.36 -7.59 -3.18
C SER A 33 -5.94 -8.15 -3.38
N LYS A 34 -5.22 -7.61 -4.37
CA LYS A 34 -3.83 -7.97 -4.66
C LYS A 34 -2.92 -7.46 -3.55
N ILE A 35 -3.43 -6.52 -2.79
CA ILE A 35 -2.71 -5.93 -1.71
C ILE A 35 -3.25 -6.53 -0.42
N ALA A 36 -2.47 -7.38 0.20
CA ALA A 36 -2.90 -8.07 1.43
C ALA A 36 -3.11 -7.09 2.56
N LYS A 37 -2.15 -6.24 2.73
CA LYS A 37 -2.16 -5.27 3.76
C LYS A 37 -1.36 -4.08 3.28
N ALA A 38 -1.56 -2.97 3.91
CA ALA A 38 -0.77 -1.81 3.66
C ALA A 38 -0.60 -1.09 4.97
N GLU A 39 0.61 -0.88 5.33
CA GLU A 39 0.96 -0.36 6.62
C GLU A 39 1.68 0.97 6.44
N ASN A 40 1.65 1.80 7.45
CA ASN A 40 2.40 3.03 7.44
C ASN A 40 3.87 2.67 7.55
N PHE A 41 4.62 3.01 6.55
CA PHE A 41 6.01 2.65 6.51
C PHE A 41 6.84 3.73 7.15
N LYS A 42 6.53 4.95 6.80
CA LYS A 42 7.32 6.09 7.18
C LYS A 42 6.45 7.28 6.87
N ASP A 43 6.87 8.46 7.25
CA ASP A 43 6.12 9.67 6.91
C ASP A 43 6.08 9.79 5.40
N TYR A 44 4.85 9.84 4.87
CA TYR A 44 4.58 9.92 3.42
C TYR A 44 4.83 8.59 2.69
N TYR A 45 4.98 7.51 3.41
CA TYR A 45 5.23 6.21 2.79
C TYR A 45 4.33 5.13 3.32
N CYS A 46 3.83 4.34 2.43
CA CYS A 46 2.99 3.23 2.77
C CYS A 46 3.64 1.95 2.30
N ASN A 47 3.65 0.96 3.13
CA ASN A 47 4.25 -0.31 2.80
C ASN A 47 3.17 -1.23 2.32
N CYS A 48 3.11 -1.41 1.05
CA CYS A 48 2.12 -2.22 0.41
C CYS A 48 2.59 -3.65 0.39
N HIS A 49 1.69 -4.55 0.65
CA HIS A 49 2.01 -5.96 0.65
C HIS A 49 1.43 -6.57 -0.57
N ILE A 50 2.24 -6.70 -1.56
CA ILE A 50 1.78 -7.22 -2.81
C ILE A 50 1.82 -8.73 -2.72
N ILE A 51 0.66 -9.36 -2.74
CA ILE A 51 0.56 -10.81 -2.62
C ILE A 51 1.27 -11.49 -3.78
N ILE A 52 2.18 -12.37 -3.46
CA ILE A 52 2.93 -13.09 -4.46
C ILE A 52 2.14 -14.30 -4.91
N HIS A 53 1.69 -15.06 -3.94
CA HIS A 53 0.93 -16.24 -4.18
C HIS A 53 -0.17 -16.26 -3.16
N GLU A 1 3.87 -13.93 2.03
CA GLU A 1 3.47 -14.33 0.65
C GLU A 1 3.64 -13.10 -0.25
N GLU A 2 3.61 -11.97 0.35
CA GLU A 2 3.62 -10.73 -0.33
C GLU A 2 5.04 -10.21 -0.54
N THR A 3 5.13 -9.22 -1.35
CA THR A 3 6.32 -8.48 -1.50
C THR A 3 6.05 -7.10 -0.90
N GLU A 4 6.71 -6.82 0.19
CA GLU A 4 6.55 -5.57 0.89
C GLU A 4 7.19 -4.45 0.09
N GLU A 5 6.38 -3.57 -0.40
CA GLU A 5 6.81 -2.49 -1.22
C GLU A 5 6.46 -1.16 -0.55
N PRO A 6 7.44 -0.40 -0.08
CA PRO A 6 7.21 0.93 0.46
C PRO A 6 6.92 1.92 -0.67
N ILE A 7 5.74 2.46 -0.67
CA ILE A 7 5.32 3.41 -1.66
C ILE A 7 5.39 4.80 -1.06
N ARG A 8 5.43 5.81 -1.88
CA ARG A 8 5.39 7.16 -1.38
C ARG A 8 3.96 7.63 -1.50
N HIS A 9 3.46 8.22 -0.46
CA HIS A 9 2.10 8.66 -0.43
C HIS A 9 2.07 10.10 0.05
N ALA A 10 1.48 10.98 -0.73
CA ALA A 10 1.43 12.37 -0.37
C ALA A 10 0.34 12.64 0.68
N LYS A 11 0.72 12.38 1.91
CA LYS A 11 -0.04 12.62 3.10
C LYS A 11 0.93 12.26 4.18
N LYS A 12 1.05 13.09 5.21
CA LYS A 12 2.08 12.85 6.24
C LYS A 12 1.92 11.49 6.88
N ASN A 13 0.77 11.27 7.46
CA ASN A 13 0.46 9.99 8.07
C ASN A 13 -0.77 9.44 7.42
N PRO A 14 -0.61 8.63 6.39
CA PRO A 14 -1.70 8.00 5.73
C PRO A 14 -2.08 6.70 6.43
N SER A 15 -3.35 6.52 6.63
CA SER A 15 -3.82 5.36 7.29
C SER A 15 -3.91 4.19 6.32
N GLU A 16 -4.16 3.03 6.86
CA GLU A 16 -4.22 1.77 6.15
C GLU A 16 -5.21 1.82 4.98
N GLY A 17 -6.38 2.39 5.22
CA GLY A 17 -7.40 2.50 4.17
C GLY A 17 -6.90 3.33 2.99
N GLU A 18 -6.33 4.50 3.30
CA GLU A 18 -5.74 5.41 2.32
C GLU A 18 -4.72 4.67 1.47
N CYS A 19 -3.78 4.04 2.15
CA CYS A 19 -2.71 3.35 1.52
C CYS A 19 -3.13 2.10 0.79
N LYS A 20 -4.14 1.40 1.29
CA LYS A 20 -4.62 0.24 0.56
C LYS A 20 -5.26 0.68 -0.74
N LYS A 21 -5.98 1.80 -0.71
CA LYS A 21 -6.61 2.36 -1.90
C LYS A 21 -5.55 2.77 -2.92
N ALA A 22 -4.57 3.51 -2.44
CA ALA A 22 -3.48 3.99 -3.27
C ALA A 22 -2.69 2.82 -3.85
N CYS A 23 -2.32 1.88 -3.00
CA CYS A 23 -1.56 0.72 -3.41
C CYS A 23 -2.36 -0.20 -4.30
N ALA A 24 -3.66 -0.20 -4.15
CA ALA A 24 -4.49 -0.98 -5.03
C ALA A 24 -4.41 -0.39 -6.40
N ASP A 25 -4.78 0.86 -6.50
CA ASP A 25 -4.85 1.59 -7.78
C ASP A 25 -3.51 1.58 -8.52
N ALA A 26 -2.43 1.75 -7.78
CA ALA A 26 -1.11 1.81 -8.36
C ALA A 26 -0.47 0.43 -8.59
N PHE A 27 -1.04 -0.63 -8.04
CA PHE A 27 -0.40 -1.95 -8.20
C PHE A 27 -1.30 -2.96 -8.85
N ALA A 28 -2.50 -3.08 -8.35
CA ALA A 28 -3.47 -4.03 -8.87
C ALA A 28 -4.52 -3.28 -9.68
N ASN A 29 -4.19 -2.04 -10.00
CA ASN A 29 -4.99 -1.13 -10.82
C ASN A 29 -6.40 -0.91 -10.31
N GLY A 30 -6.57 -1.04 -9.01
CA GLY A 30 -7.86 -0.78 -8.43
C GLY A 30 -8.33 -1.87 -7.51
N ASP A 31 -7.79 -3.04 -7.67
CA ASP A 31 -8.19 -4.15 -6.81
C ASP A 31 -7.44 -4.17 -5.50
N GLN A 32 -8.17 -4.34 -4.41
CA GLN A 32 -7.58 -4.35 -3.09
C GLN A 32 -7.40 -5.77 -2.57
N SER A 33 -7.64 -6.75 -3.41
CA SER A 33 -7.52 -8.15 -2.99
C SER A 33 -6.07 -8.59 -3.12
N LYS A 34 -5.35 -7.99 -4.07
CA LYS A 34 -3.94 -8.30 -4.28
C LYS A 34 -3.06 -7.54 -3.30
N ILE A 35 -3.66 -6.67 -2.54
CA ILE A 35 -2.95 -5.97 -1.50
C ILE A 35 -3.38 -6.56 -0.17
N ALA A 36 -2.48 -7.27 0.48
CA ALA A 36 -2.81 -7.93 1.72
C ALA A 36 -2.88 -6.92 2.85
N LYS A 37 -1.80 -6.25 3.07
CA LYS A 37 -1.68 -5.29 4.14
C LYS A 37 -1.06 -4.01 3.61
N ALA A 38 -1.19 -2.96 4.36
CA ALA A 38 -0.61 -1.66 4.04
C ALA A 38 -0.50 -0.91 5.33
N GLU A 39 0.61 -0.30 5.58
CA GLU A 39 0.83 0.34 6.85
C GLU A 39 1.74 1.55 6.66
N ASN A 40 1.57 2.56 7.50
CA ASN A 40 2.39 3.77 7.45
C ASN A 40 3.85 3.41 7.75
N PHE A 41 4.67 3.56 6.75
CA PHE A 41 6.06 3.17 6.82
C PHE A 41 6.92 4.29 7.38
N LYS A 42 6.63 5.49 6.97
CA LYS A 42 7.42 6.64 7.31
C LYS A 42 6.55 7.81 6.96
N ASP A 43 6.92 9.03 7.33
CA ASP A 43 6.14 10.19 6.92
C ASP A 43 6.13 10.23 5.41
N TYR A 44 4.92 10.25 4.85
CA TYR A 44 4.68 10.27 3.39
C TYR A 44 5.05 8.92 2.73
N TYR A 45 5.06 7.84 3.51
CA TYR A 45 5.36 6.50 2.98
C TYR A 45 4.45 5.44 3.58
N CYS A 46 4.14 4.43 2.79
CA CYS A 46 3.37 3.28 3.24
C CYS A 46 3.96 2.00 2.73
N ASN A 47 4.03 1.04 3.58
CA ASN A 47 4.53 -0.25 3.23
C ASN A 47 3.35 -1.07 2.77
N CYS A 48 3.30 -1.37 1.52
CA CYS A 48 2.22 -2.12 0.97
C CYS A 48 2.68 -3.50 0.63
N HIS A 49 1.86 -4.44 0.93
CA HIS A 49 2.20 -5.81 0.81
C HIS A 49 1.49 -6.35 -0.40
N ILE A 50 2.22 -6.45 -1.48
CA ILE A 50 1.65 -6.86 -2.73
C ILE A 50 1.70 -8.37 -2.81
N ILE A 51 0.55 -9.00 -2.92
CA ILE A 51 0.47 -10.44 -3.00
C ILE A 51 1.02 -10.93 -4.33
N ILE A 52 2.18 -11.52 -4.27
CA ILE A 52 2.84 -12.02 -5.45
C ILE A 52 2.84 -13.55 -5.47
N HIS A 53 3.14 -14.13 -4.34
CA HIS A 53 3.31 -15.57 -4.24
C HIS A 53 1.98 -16.25 -3.94
N GLU A 1 4.14 -15.40 2.29
CA GLU A 1 5.25 -14.50 2.06
C GLU A 1 4.81 -13.36 1.18
N GLU A 2 5.03 -12.17 1.65
CA GLU A 2 4.61 -10.97 0.99
C GLU A 2 5.84 -10.18 0.62
N THR A 3 5.79 -9.46 -0.43
CA THR A 3 6.83 -8.54 -0.72
C THR A 3 6.36 -7.18 -0.25
N GLU A 4 7.19 -6.53 0.49
CA GLU A 4 6.85 -5.27 1.09
C GLU A 4 7.48 -4.16 0.28
N GLU A 5 6.66 -3.32 -0.28
CA GLU A 5 7.17 -2.23 -1.06
C GLU A 5 6.67 -0.91 -0.49
N PRO A 6 7.59 -0.06 0.01
CA PRO A 6 7.23 1.25 0.49
C PRO A 6 7.00 2.20 -0.68
N ILE A 7 5.78 2.56 -0.87
CA ILE A 7 5.40 3.43 -1.95
C ILE A 7 5.31 4.84 -1.45
N ARG A 8 5.39 5.75 -2.36
CA ARG A 8 5.31 7.15 -2.06
C ARG A 8 3.84 7.52 -1.93
N HIS A 9 3.49 8.16 -0.86
CA HIS A 9 2.14 8.56 -0.62
C HIS A 9 2.11 10.07 -0.45
N ALA A 10 1.00 10.71 -0.70
CA ALA A 10 0.94 12.17 -0.64
C ALA A 10 0.38 12.67 0.69
N LYS A 11 0.11 11.79 1.61
CA LYS A 11 -0.29 12.18 2.93
C LYS A 11 0.87 11.91 3.83
N LYS A 12 1.14 12.81 4.72
CA LYS A 12 2.24 12.70 5.65
C LYS A 12 2.04 11.48 6.54
N ASN A 13 0.87 11.38 7.09
CA ASN A 13 0.56 10.31 7.99
C ASN A 13 -0.70 9.61 7.54
N PRO A 14 -0.56 8.59 6.69
CA PRO A 14 -1.66 7.83 6.18
C PRO A 14 -2.00 6.62 7.05
N SER A 15 -3.26 6.32 7.16
CA SER A 15 -3.69 5.14 7.86
C SER A 15 -3.76 3.98 6.84
N GLU A 16 -4.14 2.80 7.33
CA GLU A 16 -4.26 1.59 6.54
C GLU A 16 -5.16 1.82 5.31
N GLY A 17 -6.23 2.58 5.51
CA GLY A 17 -7.16 2.89 4.43
C GLY A 17 -6.51 3.67 3.32
N GLU A 18 -5.85 4.77 3.67
CA GLU A 18 -5.13 5.61 2.71
C GLU A 18 -4.12 4.77 1.95
N CYS A 19 -3.36 4.02 2.70
CA CYS A 19 -2.33 3.19 2.15
C CYS A 19 -2.88 2.13 1.21
N LYS A 20 -3.92 1.41 1.62
CA LYS A 20 -4.46 0.34 0.79
C LYS A 20 -5.11 0.92 -0.46
N LYS A 21 -5.68 2.11 -0.33
CA LYS A 21 -6.31 2.79 -1.43
C LYS A 21 -5.25 3.12 -2.48
N ALA A 22 -4.16 3.71 -2.02
CA ALA A 22 -3.05 4.08 -2.88
C ALA A 22 -2.41 2.83 -3.49
N CYS A 23 -2.11 1.84 -2.64
CA CYS A 23 -1.52 0.58 -3.11
C CYS A 23 -2.40 -0.11 -4.13
N ALA A 24 -3.70 0.05 -4.00
CA ALA A 24 -4.58 -0.55 -4.96
C ALA A 24 -4.61 0.24 -6.25
N ASP A 25 -5.02 1.49 -6.14
CA ASP A 25 -5.21 2.38 -7.28
C ASP A 25 -3.96 2.59 -8.09
N ALA A 26 -2.81 2.61 -7.45
CA ALA A 26 -1.58 2.83 -8.15
C ALA A 26 -0.92 1.53 -8.59
N PHE A 27 -1.45 0.38 -8.17
CA PHE A 27 -0.81 -0.89 -8.57
C PHE A 27 -1.66 -1.68 -9.52
N ALA A 28 -2.95 -1.72 -9.23
CA ALA A 28 -3.88 -2.51 -9.99
C ALA A 28 -5.13 -1.72 -10.34
N ASN A 29 -4.98 -0.39 -10.34
CA ASN A 29 -6.06 0.56 -10.69
C ASN A 29 -7.26 0.47 -9.76
N GLY A 30 -7.04 0.06 -8.53
CA GLY A 30 -8.13 0.03 -7.58
C GLY A 30 -8.39 -1.34 -7.00
N ASP A 31 -7.60 -2.30 -7.37
CA ASP A 31 -7.78 -3.65 -6.84
C ASP A 31 -7.02 -3.85 -5.54
N GLN A 32 -7.74 -4.14 -4.49
CA GLN A 32 -7.15 -4.38 -3.17
C GLN A 32 -7.04 -5.88 -2.92
N SER A 33 -7.06 -6.67 -3.98
CA SER A 33 -7.00 -8.11 -3.82
C SER A 33 -5.55 -8.58 -3.97
N LYS A 34 -4.85 -8.02 -4.96
CA LYS A 34 -3.42 -8.32 -5.17
C LYS A 34 -2.60 -7.82 -3.97
N ILE A 35 -3.13 -6.81 -3.35
CA ILE A 35 -2.56 -6.22 -2.18
C ILE A 35 -3.14 -6.94 -0.96
N ALA A 36 -2.28 -7.56 -0.18
CA ALA A 36 -2.71 -8.29 1.00
C ALA A 36 -3.18 -7.31 2.06
N LYS A 37 -2.42 -6.26 2.22
CA LYS A 37 -2.68 -5.21 3.17
C LYS A 37 -1.71 -4.08 2.84
N ALA A 38 -1.93 -2.92 3.39
CA ALA A 38 -1.05 -1.81 3.21
C ALA A 38 -1.12 -0.95 4.43
N GLU A 39 0.01 -0.61 4.99
CA GLU A 39 0.02 0.18 6.21
C GLU A 39 1.05 1.30 6.11
N ASN A 40 1.00 2.21 7.06
CA ASN A 40 1.90 3.35 7.11
C ASN A 40 3.32 2.86 7.33
N PHE A 41 4.20 3.26 6.46
CA PHE A 41 5.58 2.87 6.57
C PHE A 41 6.39 3.98 7.21
N LYS A 42 6.22 5.17 6.69
CA LYS A 42 6.99 6.30 7.10
C LYS A 42 6.21 7.53 6.65
N ASP A 43 6.65 8.71 7.01
CA ASP A 43 6.01 9.94 6.56
C ASP A 43 6.02 9.98 5.05
N TYR A 44 4.83 10.05 4.46
CA TYR A 44 4.64 10.06 3.00
C TYR A 44 4.98 8.73 2.36
N TYR A 45 4.95 7.65 3.14
CA TYR A 45 5.22 6.32 2.61
C TYR A 45 4.29 5.28 3.19
N CYS A 46 3.83 4.43 2.33
CA CYS A 46 2.99 3.31 2.72
C CYS A 46 3.62 2.03 2.27
N ASN A 47 3.50 1.02 3.06
CA ASN A 47 4.07 -0.26 2.72
C ASN A 47 2.99 -1.16 2.21
N CYS A 48 3.10 -1.50 0.95
CA CYS A 48 2.16 -2.38 0.31
C CYS A 48 2.65 -3.80 0.47
N HIS A 49 1.76 -4.67 0.85
CA HIS A 49 2.07 -6.07 1.05
C HIS A 49 1.56 -6.78 -0.16
N ILE A 50 2.43 -7.15 -1.02
CA ILE A 50 2.02 -7.76 -2.24
C ILE A 50 2.21 -9.27 -2.09
N ILE A 51 1.17 -10.01 -2.38
CA ILE A 51 1.17 -11.45 -2.21
C ILE A 51 2.05 -12.13 -3.26
N ILE A 52 2.95 -12.99 -2.81
CA ILE A 52 3.81 -13.75 -3.72
C ILE A 52 3.10 -15.04 -4.16
N HIS A 53 2.24 -15.54 -3.31
CA HIS A 53 1.59 -16.82 -3.50
C HIS A 53 0.29 -16.63 -4.27
N GLU A 1 4.70 -14.05 2.58
CA GLU A 1 4.50 -14.32 1.17
C GLU A 1 4.16 -13.04 0.43
N GLU A 2 4.58 -11.92 0.97
CA GLU A 2 4.23 -10.66 0.42
C GLU A 2 5.46 -9.99 -0.17
N THR A 3 5.23 -9.20 -1.14
CA THR A 3 6.20 -8.34 -1.70
C THR A 3 5.91 -6.96 -1.13
N GLU A 4 6.72 -6.55 -0.21
CA GLU A 4 6.49 -5.33 0.51
C GLU A 4 7.17 -4.16 -0.15
N GLU A 5 6.40 -3.42 -0.87
CA GLU A 5 6.89 -2.32 -1.63
C GLU A 5 6.48 -1.01 -0.96
N PRO A 6 7.45 -0.24 -0.46
CA PRO A 6 7.19 1.09 0.09
C PRO A 6 6.85 2.07 -1.03
N ILE A 7 5.69 2.66 -0.94
CA ILE A 7 5.23 3.63 -1.90
C ILE A 7 5.20 4.99 -1.24
N ARG A 8 5.13 6.04 -2.03
CA ARG A 8 5.01 7.35 -1.48
C ARG A 8 3.56 7.80 -1.58
N HIS A 9 3.07 8.38 -0.53
CA HIS A 9 1.71 8.84 -0.47
C HIS A 9 1.71 10.36 -0.23
N ALA A 10 0.58 11.01 -0.42
CA ALA A 10 0.48 12.45 -0.29
C ALA A 10 0.10 12.88 1.14
N LYS A 11 0.35 12.03 2.09
CA LYS A 11 0.03 12.34 3.47
C LYS A 11 1.21 11.96 4.33
N LYS A 12 1.50 12.77 5.31
CA LYS A 12 2.57 12.50 6.28
C LYS A 12 2.31 11.16 6.95
N ASN A 13 1.13 11.01 7.46
CA ASN A 13 0.73 9.77 8.09
C ASN A 13 -0.62 9.37 7.55
N PRO A 14 -0.63 8.60 6.46
CA PRO A 14 -1.86 8.18 5.81
C PRO A 14 -2.54 7.06 6.55
N SER A 15 -3.84 7.04 6.47
CA SER A 15 -4.65 6.04 7.10
C SER A 15 -4.54 4.72 6.33
N GLU A 16 -5.04 3.63 6.93
CA GLU A 16 -4.98 2.33 6.27
C GLU A 16 -5.73 2.34 4.96
N GLY A 17 -6.93 2.93 4.96
CA GLY A 17 -7.72 3.03 3.75
C GLY A 17 -6.98 3.77 2.65
N GLU A 18 -6.29 4.83 3.04
CA GLU A 18 -5.52 5.65 2.13
C GLU A 18 -4.38 4.84 1.51
N CYS A 19 -3.54 4.27 2.38
CA CYS A 19 -2.41 3.45 1.95
C CYS A 19 -2.88 2.26 1.13
N LYS A 20 -3.85 1.51 1.65
CA LYS A 20 -4.33 0.29 1.01
C LYS A 20 -4.89 0.56 -0.37
N LYS A 21 -5.66 1.63 -0.50
CA LYS A 21 -6.22 1.96 -1.78
C LYS A 21 -5.14 2.46 -2.73
N ALA A 22 -4.18 3.22 -2.21
CA ALA A 22 -3.08 3.73 -3.01
C ALA A 22 -2.22 2.60 -3.52
N CYS A 23 -1.92 1.65 -2.63
CA CYS A 23 -1.19 0.44 -2.97
C CYS A 23 -1.90 -0.32 -4.06
N ALA A 24 -3.20 -0.47 -3.91
CA ALA A 24 -3.99 -1.18 -4.87
C ALA A 24 -4.03 -0.43 -6.18
N ASP A 25 -4.46 0.81 -6.15
CA ASP A 25 -4.66 1.66 -7.33
C ASP A 25 -3.41 1.77 -8.18
N ALA A 26 -2.27 1.89 -7.54
CA ALA A 26 -1.02 2.03 -8.25
C ALA A 26 -0.41 0.70 -8.68
N PHE A 27 -0.84 -0.41 -8.12
CA PHE A 27 -0.20 -1.69 -8.46
C PHE A 27 -1.13 -2.66 -9.12
N ALA A 28 -2.30 -2.81 -8.58
CA ALA A 28 -3.27 -3.73 -9.11
C ALA A 28 -4.41 -2.98 -9.78
N ASN A 29 -4.17 -1.69 -10.03
CA ASN A 29 -5.10 -0.78 -10.73
C ASN A 29 -6.40 -0.57 -9.95
N GLY A 30 -6.37 -0.82 -8.66
CA GLY A 30 -7.55 -0.60 -7.84
C GLY A 30 -7.96 -1.82 -7.08
N ASP A 31 -7.49 -2.96 -7.53
CA ASP A 31 -7.81 -4.24 -6.90
C ASP A 31 -7.06 -4.45 -5.60
N GLN A 32 -7.80 -4.63 -4.53
CA GLN A 32 -7.22 -4.85 -3.22
C GLN A 32 -7.12 -6.33 -2.88
N SER A 33 -7.41 -7.19 -3.85
CA SER A 33 -7.35 -8.62 -3.61
C SER A 33 -5.90 -9.09 -3.68
N LYS A 34 -5.06 -8.31 -4.32
CA LYS A 34 -3.65 -8.63 -4.41
C LYS A 34 -2.90 -7.97 -3.28
N ILE A 35 -3.62 -7.29 -2.42
CA ILE A 35 -3.02 -6.60 -1.31
C ILE A 35 -3.37 -7.37 -0.04
N ALA A 36 -2.36 -7.68 0.75
CA ALA A 36 -2.56 -8.34 2.01
C ALA A 36 -2.90 -7.28 3.04
N LYS A 37 -2.13 -6.20 3.00
CA LYS A 37 -2.31 -5.06 3.87
C LYS A 37 -1.43 -3.93 3.40
N ALA A 38 -1.59 -2.81 4.00
CA ALA A 38 -0.78 -1.64 3.74
C ALA A 38 -0.69 -0.87 5.02
N GLU A 39 0.49 -0.51 5.39
CA GLU A 39 0.69 0.14 6.66
C GLU A 39 1.67 1.29 6.49
N ASN A 40 1.67 2.22 7.43
CA ASN A 40 2.55 3.36 7.41
C ASN A 40 4.00 2.91 7.52
N PHE A 41 4.81 3.36 6.58
CA PHE A 41 6.21 3.01 6.55
C PHE A 41 7.02 4.13 7.20
N LYS A 42 6.68 5.35 6.81
CA LYS A 42 7.39 6.54 7.23
C LYS A 42 6.52 7.70 6.78
N ASP A 43 6.92 8.93 7.04
CA ASP A 43 6.16 10.11 6.63
C ASP A 43 6.07 10.10 5.15
N TYR A 44 4.86 10.09 4.63
CA TYR A 44 4.58 10.06 3.18
C TYR A 44 4.91 8.71 2.56
N TYR A 45 5.02 7.68 3.37
CA TYR A 45 5.34 6.37 2.86
C TYR A 45 4.42 5.32 3.43
N CYS A 46 3.99 4.46 2.57
CA CYS A 46 3.15 3.34 2.94
C CYS A 46 3.81 2.08 2.46
N ASN A 47 3.88 1.10 3.31
CA ASN A 47 4.45 -0.17 2.96
C ASN A 47 3.35 -1.06 2.49
N CYS A 48 3.36 -1.36 1.23
CA CYS A 48 2.34 -2.15 0.62
C CYS A 48 2.73 -3.59 0.66
N HIS A 49 1.90 -4.40 1.25
CA HIS A 49 2.17 -5.79 1.38
C HIS A 49 1.42 -6.44 0.27
N ILE A 50 2.06 -6.55 -0.84
CA ILE A 50 1.42 -7.04 -2.01
C ILE A 50 1.63 -8.53 -2.05
N ILE A 51 0.58 -9.27 -2.25
CA ILE A 51 0.66 -10.71 -2.28
C ILE A 51 1.37 -11.12 -3.57
N ILE A 52 2.35 -12.01 -3.44
CA ILE A 52 3.12 -12.46 -4.59
C ILE A 52 2.22 -13.14 -5.62
N HIS A 53 1.51 -14.16 -5.20
CA HIS A 53 0.67 -14.90 -6.10
C HIS A 53 -0.76 -14.42 -5.97
N GLU A 1 4.36 -15.83 0.07
CA GLU A 1 5.24 -14.79 -0.47
C GLU A 1 4.53 -13.45 -0.55
N GLU A 2 5.05 -12.50 0.20
CA GLU A 2 4.49 -11.18 0.30
C GLU A 2 5.58 -10.14 -0.04
N THR A 3 5.34 -9.33 -1.01
CA THR A 3 6.29 -8.32 -1.41
C THR A 3 5.92 -7.01 -0.73
N GLU A 4 6.86 -6.41 -0.06
CA GLU A 4 6.62 -5.15 0.58
C GLU A 4 7.27 -4.04 -0.21
N GLU A 5 6.46 -3.18 -0.75
CA GLU A 5 6.92 -2.10 -1.57
C GLU A 5 6.56 -0.77 -0.90
N PRO A 6 7.56 0.02 -0.49
CA PRO A 6 7.32 1.35 0.06
C PRO A 6 6.97 2.34 -1.05
N ILE A 7 5.76 2.84 -1.03
CA ILE A 7 5.29 3.79 -2.03
C ILE A 7 5.21 5.17 -1.41
N ARG A 8 5.04 6.17 -2.23
CA ARG A 8 4.97 7.52 -1.73
C ARG A 8 3.52 7.98 -1.70
N HIS A 9 3.11 8.52 -0.60
CA HIS A 9 1.76 8.99 -0.43
C HIS A 9 1.83 10.38 0.17
N ALA A 10 1.13 11.34 -0.40
CA ALA A 10 1.20 12.70 0.09
C ALA A 10 0.34 12.91 1.33
N LYS A 11 0.85 12.43 2.45
CA LYS A 11 0.25 12.53 3.76
C LYS A 11 1.27 11.95 4.71
N LYS A 12 1.57 12.65 5.80
CA LYS A 12 2.58 12.21 6.77
C LYS A 12 2.26 10.81 7.27
N ASN A 13 1.06 10.65 7.76
CA ASN A 13 0.60 9.39 8.29
C ASN A 13 -0.83 9.14 7.84
N PRO A 14 -1.01 8.47 6.70
CA PRO A 14 -2.31 8.20 6.16
C PRO A 14 -2.97 7.03 6.87
N SER A 15 -4.28 6.96 6.76
CA SER A 15 -5.03 5.86 7.31
C SER A 15 -4.72 4.60 6.50
N GLU A 16 -4.97 3.43 7.07
CA GLU A 16 -4.73 2.18 6.37
C GLU A 16 -5.52 2.15 5.06
N GLY A 17 -6.75 2.65 5.11
CA GLY A 17 -7.60 2.73 3.93
C GLY A 17 -6.98 3.58 2.83
N GLU A 18 -6.28 4.63 3.21
CA GLU A 18 -5.63 5.51 2.25
C GLU A 18 -4.48 4.80 1.58
N CYS A 19 -3.61 4.22 2.40
CA CYS A 19 -2.48 3.48 1.89
C CYS A 19 -2.95 2.29 1.05
N LYS A 20 -3.97 1.59 1.53
CA LYS A 20 -4.49 0.41 0.87
C LYS A 20 -5.05 0.76 -0.49
N LYS A 21 -5.78 1.86 -0.54
CA LYS A 21 -6.38 2.35 -1.77
C LYS A 21 -5.28 2.76 -2.75
N ALA A 22 -4.28 3.47 -2.25
CA ALA A 22 -3.16 3.92 -3.08
C ALA A 22 -2.37 2.71 -3.60
N CYS A 23 -2.06 1.79 -2.71
CA CYS A 23 -1.37 0.55 -3.06
C CYS A 23 -2.15 -0.22 -4.10
N ALA A 24 -3.45 -0.29 -3.93
CA ALA A 24 -4.27 -1.00 -4.86
C ALA A 24 -4.23 -0.33 -6.22
N ASP A 25 -4.57 0.93 -6.25
CA ASP A 25 -4.70 1.73 -7.46
C ASP A 25 -3.41 1.75 -8.29
N ALA A 26 -2.30 1.89 -7.62
CA ALA A 26 -1.02 1.98 -8.30
C ALA A 26 -0.39 0.61 -8.57
N PHE A 27 -0.95 -0.46 -8.03
CA PHE A 27 -0.32 -1.76 -8.20
C PHE A 27 -1.16 -2.73 -8.98
N ALA A 28 -2.35 -2.97 -8.48
CA ALA A 28 -3.28 -3.93 -9.08
C ALA A 28 -4.40 -3.20 -9.80
N ASN A 29 -4.10 -1.96 -10.17
CA ASN A 29 -5.01 -1.09 -10.96
C ASN A 29 -6.27 -0.73 -10.18
N GLY A 30 -6.23 -0.86 -8.89
CA GLY A 30 -7.38 -0.53 -8.09
C GLY A 30 -7.89 -1.69 -7.28
N ASP A 31 -7.35 -2.85 -7.53
CA ASP A 31 -7.77 -4.03 -6.80
C ASP A 31 -7.09 -4.14 -5.44
N GLN A 32 -7.91 -4.29 -4.40
CA GLN A 32 -7.41 -4.39 -3.03
C GLN A 32 -7.30 -5.85 -2.56
N SER A 33 -7.41 -6.79 -3.47
CA SER A 33 -7.29 -8.19 -3.12
C SER A 33 -5.85 -8.67 -3.36
N LYS A 34 -5.19 -8.06 -4.33
CA LYS A 34 -3.78 -8.33 -4.61
C LYS A 34 -2.91 -7.73 -3.50
N ILE A 35 -3.44 -6.73 -2.86
CA ILE A 35 -2.79 -6.06 -1.76
C ILE A 35 -3.32 -6.66 -0.46
N ALA A 36 -2.44 -7.19 0.34
CA ALA A 36 -2.80 -7.83 1.59
C ALA A 36 -3.09 -6.81 2.65
N LYS A 37 -2.15 -5.95 2.82
CA LYS A 37 -2.17 -4.99 3.87
C LYS A 37 -1.44 -3.79 3.31
N ALA A 38 -1.62 -2.66 3.91
CA ALA A 38 -0.94 -1.47 3.51
C ALA A 38 -0.93 -0.54 4.67
N GLU A 39 0.24 -0.20 5.12
CA GLU A 39 0.36 0.61 6.33
C GLU A 39 1.40 1.69 6.15
N ASN A 40 1.48 2.59 7.09
CA ASN A 40 2.46 3.66 7.02
C ASN A 40 3.87 3.10 7.15
N PHE A 41 4.67 3.33 6.15
CA PHE A 41 6.02 2.82 6.12
C PHE A 41 6.95 3.82 6.76
N LYS A 42 6.71 5.06 6.48
CA LYS A 42 7.53 6.14 6.92
C LYS A 42 6.68 7.37 6.71
N ASP A 43 7.10 8.51 7.19
CA ASP A 43 6.37 9.75 6.98
C ASP A 43 6.28 10.00 5.48
N TYR A 44 5.04 10.05 4.99
CA TYR A 44 4.73 10.26 3.55
C TYR A 44 4.98 9.00 2.69
N TYR A 45 5.07 7.86 3.36
CA TYR A 45 5.28 6.58 2.67
C TYR A 45 4.35 5.51 3.21
N CYS A 46 3.90 4.66 2.34
CA CYS A 46 3.06 3.55 2.71
C CYS A 46 3.72 2.26 2.25
N ASN A 47 3.62 1.26 3.07
CA ASN A 47 4.18 -0.03 2.78
C ASN A 47 3.07 -0.87 2.21
N CYS A 48 3.24 -1.26 0.97
CA CYS A 48 2.27 -2.08 0.30
C CYS A 48 2.69 -3.52 0.40
N HIS A 49 1.80 -4.34 0.89
CA HIS A 49 2.08 -5.73 1.07
C HIS A 49 1.38 -6.43 -0.05
N ILE A 50 2.12 -6.79 -1.01
CA ILE A 50 1.59 -7.37 -2.21
C ILE A 50 1.66 -8.87 -2.08
N ILE A 51 0.58 -9.54 -2.30
CA ILE A 51 0.57 -10.97 -2.19
C ILE A 51 0.96 -11.57 -3.52
N ILE A 52 2.07 -12.24 -3.57
CA ILE A 52 2.40 -12.99 -4.76
C ILE A 52 1.62 -14.28 -4.65
N HIS A 53 1.92 -14.99 -3.59
CA HIS A 53 1.28 -16.21 -3.18
C HIS A 53 2.17 -16.78 -2.10
N GLU A 1 4.20 -14.74 3.56
CA GLU A 1 4.82 -13.42 3.62
C GLU A 1 4.40 -12.63 2.40
N GLU A 2 4.68 -11.36 2.37
CA GLU A 2 4.29 -10.53 1.26
C GLU A 2 5.46 -9.72 0.78
N THR A 3 5.36 -9.19 -0.40
CA THR A 3 6.38 -8.34 -0.93
C THR A 3 6.12 -6.94 -0.41
N GLU A 4 7.05 -6.41 0.34
CA GLU A 4 6.90 -5.10 0.91
C GLU A 4 7.35 -4.03 -0.05
N GLU A 5 6.42 -3.27 -0.51
CA GLU A 5 6.65 -2.22 -1.46
C GLU A 5 6.39 -0.86 -0.84
N PRO A 6 7.43 -0.08 -0.56
CA PRO A 6 7.27 1.28 -0.06
C PRO A 6 6.90 2.22 -1.21
N ILE A 7 5.69 2.68 -1.20
CA ILE A 7 5.21 3.56 -2.23
C ILE A 7 5.13 4.97 -1.70
N ARG A 8 5.02 5.90 -2.60
CA ARG A 8 4.85 7.29 -2.25
C ARG A 8 3.37 7.55 -2.07
N HIS A 9 3.03 8.32 -1.09
CA HIS A 9 1.66 8.70 -0.87
C HIS A 9 1.62 10.13 -0.37
N ALA A 10 0.73 10.93 -0.90
CA ALA A 10 0.65 12.31 -0.49
C ALA A 10 -0.24 12.48 0.75
N LYS A 11 0.35 12.13 1.87
CA LYS A 11 -0.22 12.24 3.19
C LYS A 11 0.88 11.77 4.10
N LYS A 12 1.10 12.45 5.20
CA LYS A 12 2.22 12.10 6.05
C LYS A 12 2.00 10.74 6.69
N ASN A 13 0.84 10.57 7.27
CA ASN A 13 0.50 9.32 7.92
C ASN A 13 -0.89 8.88 7.49
N PRO A 14 -0.98 8.11 6.42
CA PRO A 14 -2.24 7.57 5.94
C PRO A 14 -2.58 6.31 6.72
N SER A 15 -3.83 5.99 6.81
CA SER A 15 -4.24 4.81 7.53
C SER A 15 -3.93 3.56 6.71
N GLU A 16 -4.14 2.41 7.31
CA GLU A 16 -3.94 1.14 6.62
C GLU A 16 -4.89 1.05 5.43
N GLY A 17 -6.07 1.63 5.58
CA GLY A 17 -7.03 1.67 4.50
C GLY A 17 -6.59 2.60 3.39
N GLU A 18 -6.14 3.81 3.76
CA GLU A 18 -5.63 4.80 2.79
C GLU A 18 -4.47 4.22 2.02
N CYS A 19 -3.53 3.65 2.73
CA CYS A 19 -2.39 3.03 2.12
C CYS A 19 -2.79 1.87 1.22
N LYS A 20 -3.66 0.98 1.71
CA LYS A 20 -4.09 -0.19 0.94
C LYS A 20 -4.77 0.22 -0.35
N LYS A 21 -5.59 1.26 -0.27
CA LYS A 21 -6.29 1.80 -1.42
C LYS A 21 -5.29 2.44 -2.41
N ALA A 22 -4.29 3.11 -1.88
CA ALA A 22 -3.26 3.72 -2.71
C ALA A 22 -2.41 2.65 -3.37
N CYS A 23 -2.01 1.65 -2.60
CA CYS A 23 -1.24 0.52 -3.09
C CYS A 23 -2.02 -0.20 -4.15
N ALA A 24 -3.33 -0.24 -3.99
CA ALA A 24 -4.20 -0.83 -4.95
C ALA A 24 -4.10 -0.08 -6.26
N ASP A 25 -4.38 1.21 -6.18
CA ASP A 25 -4.39 2.09 -7.34
C ASP A 25 -3.02 2.16 -8.05
N ALA A 26 -1.96 2.07 -7.27
CA ALA A 26 -0.62 2.12 -7.82
C ALA A 26 -0.08 0.75 -8.25
N PHE A 27 -0.81 -0.32 -7.96
CA PHE A 27 -0.34 -1.66 -8.34
C PHE A 27 -1.30 -2.40 -9.22
N ALA A 28 -2.53 -2.47 -8.80
CA ALA A 28 -3.55 -3.16 -9.56
C ALA A 28 -4.42 -2.15 -10.28
N ASN A 29 -4.09 -0.87 -10.09
CA ASN A 29 -4.76 0.27 -10.75
C ASN A 29 -6.22 0.41 -10.33
N GLY A 30 -6.57 -0.23 -9.24
CA GLY A 30 -7.93 -0.16 -8.77
C GLY A 30 -8.25 -1.26 -7.80
N ASP A 31 -7.92 -2.48 -8.16
CA ASP A 31 -8.22 -3.66 -7.31
C ASP A 31 -7.43 -3.60 -6.02
N GLN A 32 -8.15 -3.70 -4.92
CA GLN A 32 -7.56 -3.57 -3.61
C GLN A 32 -7.24 -4.92 -2.98
N SER A 33 -7.55 -5.98 -3.70
CA SER A 33 -7.43 -7.32 -3.16
C SER A 33 -6.06 -7.93 -3.48
N LYS A 34 -5.40 -7.40 -4.50
CA LYS A 34 -4.02 -7.80 -4.87
C LYS A 34 -3.06 -7.43 -3.71
N ILE A 35 -3.52 -6.52 -2.89
CA ILE A 35 -2.79 -6.04 -1.77
C ILE A 35 -3.33 -6.75 -0.53
N ALA A 36 -2.45 -7.33 0.26
CA ALA A 36 -2.83 -8.00 1.49
C ALA A 36 -3.33 -6.95 2.46
N LYS A 37 -2.51 -5.93 2.63
CA LYS A 37 -2.78 -4.78 3.45
C LYS A 37 -1.64 -3.83 3.19
N ALA A 38 -1.72 -2.65 3.69
CA ALA A 38 -0.65 -1.72 3.58
C ALA A 38 -0.61 -0.89 4.82
N GLU A 39 0.55 -0.63 5.33
CA GLU A 39 0.69 0.13 6.55
C GLU A 39 1.56 1.34 6.26
N ASN A 40 1.65 2.25 7.18
CA ASN A 40 2.52 3.39 7.00
C ASN A 40 3.97 2.94 7.06
N PHE A 41 4.70 3.27 6.04
CA PHE A 41 6.09 2.90 5.97
C PHE A 41 6.92 3.96 6.61
N LYS A 42 6.66 5.17 6.20
CA LYS A 42 7.43 6.30 6.62
C LYS A 42 6.54 7.49 6.38
N ASP A 43 6.94 8.65 6.84
CA ASP A 43 6.22 9.88 6.59
C ASP A 43 6.09 10.07 5.08
N TYR A 44 4.85 10.04 4.59
CA TYR A 44 4.50 10.18 3.15
C TYR A 44 4.77 8.90 2.34
N TYR A 45 4.91 7.78 3.04
CA TYR A 45 5.17 6.51 2.37
C TYR A 45 4.34 5.40 2.97
N CYS A 46 3.93 4.51 2.15
CA CYS A 46 3.15 3.36 2.57
C CYS A 46 3.84 2.08 2.21
N ASN A 47 3.81 1.13 3.10
CA ASN A 47 4.42 -0.15 2.89
C ASN A 47 3.32 -1.07 2.43
N CYS A 48 3.33 -1.35 1.19
CA CYS A 48 2.33 -2.17 0.61
C CYS A 48 2.74 -3.60 0.71
N HIS A 49 1.84 -4.43 1.11
CA HIS A 49 2.10 -5.83 1.24
C HIS A 49 1.46 -6.48 0.09
N ILE A 50 2.23 -6.69 -0.93
CA ILE A 50 1.71 -7.25 -2.13
C ILE A 50 1.71 -8.74 -1.99
N ILE A 51 0.62 -9.39 -2.30
CA ILE A 51 0.55 -10.82 -2.21
C ILE A 51 1.47 -11.39 -3.29
N ILE A 52 2.38 -12.25 -2.88
CA ILE A 52 3.39 -12.82 -3.77
C ILE A 52 2.73 -13.75 -4.76
N HIS A 53 1.75 -14.48 -4.28
CA HIS A 53 1.04 -15.43 -5.10
C HIS A 53 -0.17 -14.79 -5.72
#